data_6DLN
#
_entry.id   6DLN
#
_entity_poly.entity_id   1
_entity_poly.type   'polypeptide(L)'
_entity_poly.pdbx_seq_one_letter_code
;KWASLWNWFNITNWLWYIKLFIMIVGGLVGLRIVFAVLS
;
_entity_poly.pdbx_strand_id   A,B,C
#
# COMPACT_ATOMS: atom_id res chain seq x y z
N LYS A 1 32.70 3.09 2.57
CA LYS A 1 31.91 1.90 2.08
C LYS A 1 30.95 1.20 3.04
N TRP A 2 30.01 0.40 2.55
CA TRP A 2 29.08 -0.22 3.43
C TRP A 2 28.46 -1.47 2.84
N ALA A 3 29.09 -2.16 1.88
CA ALA A 3 28.56 -3.25 1.17
C ALA A 3 27.76 -4.44 1.78
N SER A 4 28.20 -4.92 2.91
CA SER A 4 27.48 -5.91 3.71
C SER A 4 26.27 -5.31 4.46
N LEU A 5 26.38 -4.09 5.04
CA LEU A 5 25.29 -3.32 5.63
C LEU A 5 24.31 -2.87 4.61
N TRP A 6 24.75 -2.52 3.32
CA TRP A 6 23.88 -2.27 2.17
C TRP A 6 22.98 -3.50 1.76
N ASN A 7 23.52 -4.74 1.70
CA ASN A 7 22.79 -5.95 1.49
C ASN A 7 21.74 -6.23 2.51
N TRP A 8 22.02 -6.07 3.85
CA TRP A 8 20.94 -6.19 4.75
C TRP A 8 19.91 -5.07 4.67
N PHE A 9 20.40 -3.81 4.40
CA PHE A 9 19.48 -2.62 4.17
C PHE A 9 18.52 -2.83 2.95
N ASN A 10 19.07 -3.39 1.85
CA ASN A 10 18.28 -3.83 0.75
C ASN A 10 17.29 -4.92 1.12
N ILE A 11 17.68 -5.93 1.87
CA ILE A 11 16.72 -6.81 2.51
C ILE A 11 15.65 -6.24 3.36
N THR A 12 16.02 -5.27 4.25
CA THR A 12 15.12 -4.49 5.14
C THR A 12 14.11 -3.53 4.40
N ASN A 13 14.51 -2.72 3.38
CA ASN A 13 13.61 -2.02 2.54
C ASN A 13 12.55 -2.81 1.78
N TRP A 14 12.95 -3.91 1.13
CA TRP A 14 12.18 -4.78 0.19
C TRP A 14 13.08 -5.24 -0.92
N LEU A 15 13.84 -6.31 -0.62
CA LEU A 15 14.51 -7.13 -1.69
C LEU A 15 13.69 -8.36 -2.14
N TRP A 16 13.04 -9.07 -1.21
CA TRP A 16 12.08 -10.17 -1.45
C TRP A 16 10.83 -9.64 -0.83
N TYR A 17 9.69 -10.05 -1.34
CA TYR A 17 8.33 -9.77 -0.89
C TYR A 17 8.05 -8.79 0.32
N ILE A 18 7.21 -7.76 0.15
CA ILE A 18 6.51 -7.00 1.15
C ILE A 18 7.41 -5.98 1.89
N LYS A 19 7.90 -6.33 3.14
CA LYS A 19 8.84 -5.53 3.92
C LYS A 19 8.46 -4.09 4.20
N LEU A 20 9.36 -3.15 4.45
CA LEU A 20 9.19 -1.73 4.70
C LEU A 20 8.51 -1.06 3.59
N PHE A 21 8.75 -1.47 2.37
CA PHE A 21 8.16 -0.88 1.21
C PHE A 21 6.60 -0.87 1.30
N ILE A 22 6.04 -2.00 1.70
CA ILE A 22 4.64 -2.01 2.07
C ILE A 22 4.42 -1.59 3.48
N MET A 23 5.35 -1.87 4.51
CA MET A 23 4.95 -1.65 5.90
C MET A 23 5.13 -0.20 6.29
N ILE A 24 5.92 0.60 5.54
CA ILE A 24 5.81 2.02 5.76
C ILE A 24 4.38 2.57 5.34
N VAL A 25 3.82 2.08 4.24
CA VAL A 25 2.48 2.47 3.89
C VAL A 25 1.39 2.01 4.90
N GLY A 26 1.39 0.71 5.40
CA GLY A 26 0.36 0.19 6.28
C GLY A 26 0.35 0.85 7.61
N GLY A 27 1.62 1.21 8.17
CA GLY A 27 1.65 1.80 9.49
C GLY A 27 1.27 3.23 9.49
N LEU A 28 1.64 3.98 8.39
CA LEU A 28 1.28 5.42 8.31
C LEU A 28 -0.17 5.68 8.21
N VAL A 29 -0.86 4.84 7.40
CA VAL A 29 -2.30 4.86 7.25
C VAL A 29 -3.08 4.44 8.41
N GLY A 30 -2.59 3.38 9.17
CA GLY A 30 -3.06 2.97 10.51
C GLY A 30 -3.01 4.04 11.52
N LEU A 31 -1.80 4.72 11.53
CA LEU A 31 -1.50 5.82 12.43
C LEU A 31 -2.48 7.02 12.41
N ARG A 32 -3.04 7.36 11.15
CA ARG A 32 -3.97 8.48 10.93
C ARG A 32 -5.30 8.17 11.63
N ILE A 33 -5.64 6.86 12.03
CA ILE A 33 -6.90 6.46 12.66
C ILE A 33 -6.98 7.09 14.18
N VAL A 34 -5.87 6.86 14.91
CA VAL A 34 -5.70 7.18 16.33
C VAL A 34 -5.21 8.61 16.50
N PHE A 35 -4.58 9.14 15.48
CA PHE A 35 -4.30 10.48 15.30
C PHE A 35 -5.65 11.28 15.22
N ALA A 36 -6.64 10.82 14.45
CA ALA A 36 -7.95 11.51 14.45
C ALA A 36 -8.60 11.42 15.83
N VAL A 37 -8.42 10.28 16.52
CA VAL A 37 -8.93 10.05 17.93
C VAL A 37 -8.36 11.00 18.96
N LEU A 38 -7.04 11.24 18.89
CA LEU A 38 -6.40 12.02 19.93
C LEU A 38 -6.20 13.43 19.49
N SER A 39 -6.31 13.76 18.15
CA SER A 39 -6.19 15.12 17.58
C SER A 39 -7.47 15.54 16.82
N LYS B 1 -9.27 -31.86 7.83
CA LYS B 1 -9.03 -31.06 9.08
C LYS B 1 -9.45 -29.56 8.89
N TRP B 2 -8.52 -28.71 8.34
CA TRP B 2 -8.75 -27.38 8.12
C TRP B 2 -8.42 -26.97 6.67
N ALA B 3 -8.22 -27.96 5.77
CA ALA B 3 -7.43 -27.62 4.53
C ALA B 3 -8.22 -26.88 3.48
N SER B 4 -9.57 -27.24 3.29
CA SER B 4 -10.39 -26.67 2.20
C SER B 4 -10.72 -25.22 2.37
N LEU B 5 -10.98 -24.83 3.67
CA LEU B 5 -11.12 -23.46 4.08
C LEU B 5 -9.81 -22.67 3.96
N TRP B 6 -8.71 -23.25 4.50
CA TRP B 6 -7.45 -22.60 4.59
C TRP B 6 -6.85 -22.20 3.26
N ASN B 7 -6.93 -23.16 2.25
CA ASN B 7 -6.49 -22.91 0.92
C ASN B 7 -7.37 -21.84 0.36
N TRP B 8 -8.65 -21.86 0.52
CA TRP B 8 -9.52 -20.74 0.10
C TRP B 8 -9.09 -19.34 0.76
N PHE B 9 -8.81 -19.37 2.05
CA PHE B 9 -8.39 -18.24 2.87
C PHE B 9 -7.08 -17.60 2.35
N ASN B 10 -6.12 -18.43 1.99
CA ASN B 10 -4.89 -17.98 1.41
C ASN B 10 -5.05 -17.34 -0.05
N ILE B 11 -5.86 -17.97 -0.87
CA ILE B 11 -6.22 -17.48 -2.21
C ILE B 11 -7.05 -16.19 -2.06
N THR B 12 -7.98 -16.05 -1.08
CA THR B 12 -8.67 -14.82 -0.67
C THR B 12 -7.74 -13.72 -0.20
N ASN B 13 -6.82 -14.01 0.68
CA ASN B 13 -5.77 -13.13 1.05
C ASN B 13 -4.85 -12.64 -0.05
N TRP B 14 -4.12 -13.52 -0.70
CA TRP B 14 -3.19 -13.26 -1.75
C TRP B 14 -2.24 -14.48 -2.05
N LEU B 15 -2.46 -15.11 -3.20
CA LEU B 15 -1.68 -16.21 -3.79
C LEU B 15 -1.10 -15.56 -5.06
N TRP B 16 -2.01 -15.22 -5.98
CA TRP B 16 -1.74 -14.56 -7.24
C TRP B 16 -2.74 -13.32 -7.26
N TYR B 17 -2.22 -12.08 -7.59
CA TYR B 17 -2.90 -10.87 -8.05
C TYR B 17 -3.77 -10.05 -7.03
N ILE B 18 -3.10 -9.08 -6.33
CA ILE B 18 -3.79 -7.93 -5.68
C ILE B 18 -4.46 -8.35 -4.36
N LYS B 19 -5.70 -8.89 -4.53
CA LYS B 19 -6.46 -9.47 -3.43
C LYS B 19 -6.50 -8.54 -2.14
N LEU B 20 -6.68 -9.10 -0.94
CA LEU B 20 -6.71 -8.43 0.35
C LEU B 20 -5.43 -7.80 0.81
N PHE B 21 -4.25 -8.38 0.37
CA PHE B 21 -2.93 -7.85 0.48
C PHE B 21 -2.86 -6.45 -0.13
N ILE B 22 -3.55 -6.20 -1.28
CA ILE B 22 -3.59 -4.83 -1.82
C ILE B 22 -4.98 -4.20 -1.43
N MET B 23 -6.01 -5.00 -1.13
CA MET B 23 -7.16 -4.30 -0.74
C MET B 23 -7.09 -3.76 0.71
N ILE B 24 -6.39 -4.41 1.72
CA ILE B 24 -6.27 -3.71 3.00
C ILE B 24 -5.57 -2.30 2.92
N VAL B 25 -4.41 -2.24 2.13
CA VAL B 25 -3.65 -0.97 2.01
C VAL B 25 -4.50 0.05 1.26
N GLY B 26 -5.13 -0.39 0.15
CA GLY B 26 -5.81 0.58 -0.73
C GLY B 26 -7.07 1.15 -0.20
N GLY B 27 -7.88 0.25 0.40
CA GLY B 27 -9.17 0.74 1.03
C GLY B 27 -9.01 1.48 2.24
N LEU B 28 -7.97 1.18 3.04
CA LEU B 28 -7.55 2.05 4.12
C LEU B 28 -7.23 3.53 3.70
N VAL B 29 -6.46 3.82 2.61
CA VAL B 29 -6.23 5.15 2.05
C VAL B 29 -7.50 5.80 1.61
N GLY B 30 -8.36 5.10 0.89
CA GLY B 30 -9.65 5.53 0.31
C GLY B 30 -10.66 5.78 1.33
N LEU B 31 -10.38 5.29 2.56
CA LEU B 31 -10.99 5.68 3.80
C LEU B 31 -10.69 7.12 4.24
N ARG B 32 -9.38 7.56 4.14
CA ARG B 32 -8.95 8.94 4.64
C ARG B 32 -9.59 10.10 3.91
N ILE B 33 -9.84 9.91 2.58
CA ILE B 33 -10.55 10.78 1.69
C ILE B 33 -12.00 11.18 2.30
N VAL B 34 -12.99 10.22 2.41
CA VAL B 34 -14.33 10.45 2.95
C VAL B 34 -14.27 10.98 4.39
N PHE B 35 -13.25 10.49 5.20
CA PHE B 35 -12.83 11.03 6.49
C PHE B 35 -12.68 12.50 6.52
N ALA B 36 -11.84 13.06 5.62
CA ALA B 36 -11.70 14.44 5.40
C ALA B 36 -12.90 15.18 4.79
N VAL B 37 -13.56 14.59 3.78
CA VAL B 37 -14.85 15.09 3.31
C VAL B 37 -15.95 15.29 4.43
N LEU B 38 -16.10 14.35 5.32
CA LEU B 38 -17.04 14.48 6.43
C LEU B 38 -16.46 15.09 7.67
N SER B 39 -15.15 15.50 7.70
CA SER B 39 -14.53 16.18 8.85
C SER B 39 -13.99 17.49 8.22
N LYS C 1 -8.68 -2.42 -29.91
CA LYS C 1 -9.19 -3.81 -29.57
C LYS C 1 -8.89 -4.15 -28.10
N TRP C 2 -9.48 -5.12 -27.42
CA TRP C 2 -9.21 -5.45 -26.03
C TRP C 2 -7.73 -5.61 -25.66
N ALA C 3 -6.95 -6.39 -26.44
CA ALA C 3 -5.59 -6.69 -26.10
C ALA C 3 -4.70 -5.44 -26.18
N SER C 4 -4.81 -4.65 -27.19
CA SER C 4 -4.22 -3.31 -27.34
C SER C 4 -4.58 -2.26 -26.33
N LEU C 5 -5.85 -2.10 -25.94
CA LEU C 5 -6.21 -1.21 -24.86
C LEU C 5 -5.75 -1.72 -23.47
N TRP C 6 -5.84 -3.04 -23.17
CA TRP C 6 -5.26 -3.55 -21.95
C TRP C 6 -3.75 -3.43 -21.84
N ASN C 7 -3.01 -3.62 -22.97
CA ASN C 7 -1.61 -3.28 -23.13
C ASN C 7 -1.32 -1.79 -22.92
N TRP C 8 -2.23 -0.84 -23.35
CA TRP C 8 -1.93 0.56 -23.19
C TRP C 8 -2.11 0.95 -21.71
N PHE C 9 -3.09 0.33 -21.02
CA PHE C 9 -3.45 0.47 -19.57
C PHE C 9 -2.28 0.00 -18.73
N ASN C 10 -1.74 -1.21 -19.05
CA ASN C 10 -0.61 -1.79 -18.25
C ASN C 10 0.66 -1.01 -18.38
N ILE C 11 1.01 -0.50 -19.63
CA ILE C 11 2.27 0.34 -19.80
C ILE C 11 2.23 1.64 -18.96
N THR C 12 1.15 2.45 -19.12
CA THR C 12 0.78 3.64 -18.40
C THR C 12 0.60 3.36 -16.92
N ASN C 13 0.02 2.28 -16.48
CA ASN C 13 -0.02 2.00 -15.07
C ASN C 13 1.23 1.37 -14.47
N TRP C 14 1.28 0.04 -14.47
CA TRP C 14 2.14 -0.73 -13.63
C TRP C 14 2.53 -2.07 -14.28
N LEU C 15 3.23 -1.93 -15.41
CA LEU C 15 3.72 -3.10 -16.14
C LEU C 15 4.84 -3.75 -15.36
N TRP C 16 5.65 -2.96 -14.60
CA TRP C 16 6.88 -3.34 -13.83
C TRP C 16 6.75 -2.66 -12.42
N TYR C 17 7.76 -2.86 -11.59
CA TYR C 17 7.82 -2.40 -10.17
C TYR C 17 7.32 -1.01 -9.81
N ILE C 18 6.50 -1.00 -8.77
CA ILE C 18 6.13 0.18 -8.01
C ILE C 18 5.10 1.07 -8.76
N LYS C 19 5.42 1.99 -9.64
CA LYS C 19 4.65 2.80 -10.51
C LYS C 19 3.56 3.55 -9.74
N LEU C 20 2.61 4.12 -10.40
CA LEU C 20 1.42 4.84 -10.00
C LEU C 20 0.51 4.05 -9.18
N PHE C 21 0.62 2.73 -9.34
CA PHE C 21 -0.02 1.68 -8.51
C PHE C 21 0.35 1.75 -7.01
N ILE C 22 1.67 1.86 -6.69
CA ILE C 22 2.09 2.29 -5.34
C ILE C 22 2.20 3.80 -5.21
N MET C 23 2.69 4.61 -6.20
CA MET C 23 2.95 5.96 -5.97
C MET C 23 1.66 6.79 -5.78
N ILE C 24 0.59 6.48 -6.55
CA ILE C 24 -0.63 7.20 -6.33
C ILE C 24 -1.22 6.98 -4.92
N VAL C 25 -1.21 5.74 -4.34
CA VAL C 25 -1.67 5.49 -3.01
C VAL C 25 -0.78 6.02 -1.85
N GLY C 26 0.54 5.76 -1.98
CA GLY C 26 1.55 6.25 -1.03
C GLY C 26 1.67 7.73 -0.93
N GLY C 27 1.46 8.54 -2.05
CA GLY C 27 1.58 10.04 -2.03
C GLY C 27 0.37 10.59 -1.40
N LEU C 28 -0.81 9.97 -1.54
CA LEU C 28 -2.01 10.44 -0.90
C LEU C 28 -1.95 10.33 0.67
N VAL C 29 -1.38 9.19 1.27
CA VAL C 29 -1.11 9.16 2.70
C VAL C 29 -0.12 10.24 3.11
N GLY C 30 0.99 10.49 2.32
CA GLY C 30 2.03 11.54 2.55
C GLY C 30 1.41 12.93 2.67
N LEU C 31 0.48 13.26 1.75
CA LEU C 31 -0.32 14.45 1.70
C LEU C 31 -1.16 14.70 2.96
N ARG C 32 -1.56 13.69 3.81
CA ARG C 32 -2.41 13.97 4.97
C ARG C 32 -1.66 14.40 6.19
N ILE C 33 -0.37 14.16 6.18
CA ILE C 33 0.52 14.35 7.36
C ILE C 33 0.74 15.79 7.58
N VAL C 34 1.05 16.37 6.47
CA VAL C 34 1.42 17.76 6.34
C VAL C 34 0.24 18.61 6.31
N PHE C 35 -0.90 18.06 5.93
CA PHE C 35 -2.23 18.61 5.97
C PHE C 35 -2.60 18.95 7.44
N ALA C 36 -2.24 18.01 8.35
CA ALA C 36 -2.46 18.22 9.78
C ALA C 36 -1.46 19.22 10.37
N VAL C 37 -0.23 19.12 9.95
CA VAL C 37 0.81 20.04 10.34
C VAL C 37 0.55 21.49 10.03
N LEU C 38 0.05 21.75 8.86
CA LEU C 38 -0.34 23.05 8.38
C LEU C 38 -1.71 23.52 8.56
N SER C 39 -2.56 22.65 9.00
CA SER C 39 -3.93 22.91 9.55
C SER C 39 -3.82 22.72 11.13
N LYS A 1 33.16 3.33 1.03
CA LYS A 1 32.65 1.94 0.79
C LYS A 1 31.72 1.45 1.90
N TRP A 2 30.63 0.69 1.57
CA TRP A 2 29.64 0.13 2.59
C TRP A 2 28.75 -0.86 1.87
N ALA A 3 29.32 -1.67 1.01
CA ALA A 3 28.63 -2.63 0.21
C ALA A 3 27.80 -3.68 0.97
N SER A 4 28.35 -4.27 2.06
CA SER A 4 27.73 -5.18 3.02
C SER A 4 26.48 -4.66 3.79
N LEU A 5 26.52 -3.41 4.33
CA LEU A 5 25.39 -2.66 4.91
C LEU A 5 24.50 -2.25 3.80
N TRP A 6 24.93 -1.71 2.66
CA TRP A 6 24.04 -1.46 1.54
C TRP A 6 23.28 -2.70 1.02
N ASN A 7 23.86 -3.88 0.93
CA ASN A 7 23.20 -5.14 0.64
C ASN A 7 22.29 -5.55 1.78
N TRP A 8 22.61 -5.45 3.07
CA TRP A 8 21.71 -5.65 4.09
C TRP A 8 20.52 -4.65 4.19
N PHE A 9 20.73 -3.36 3.79
CA PHE A 9 19.71 -2.24 3.71
C PHE A 9 18.58 -2.51 2.65
N ASN A 10 19.04 -2.85 1.43
CA ASN A 10 18.22 -3.13 0.29
C ASN A 10 17.41 -4.42 0.53
N ILE A 11 18.07 -5.44 1.06
CA ILE A 11 17.38 -6.67 1.45
C ILE A 11 16.31 -6.34 2.51
N THR A 12 16.61 -5.41 3.36
CA THR A 12 15.72 -4.92 4.43
C THR A 12 14.43 -4.18 3.87
N ASN A 13 14.72 -3.23 2.91
CA ASN A 13 13.76 -2.34 2.27
C ASN A 13 12.68 -3.02 1.52
N TRP A 14 13.08 -4.06 0.77
CA TRP A 14 12.26 -4.93 -0.10
C TRP A 14 13.17 -5.39 -1.20
N LEU A 15 13.58 -6.63 -1.24
CA LEU A 15 14.19 -7.26 -2.40
C LEU A 15 13.44 -8.58 -2.54
N TRP A 16 12.84 -9.06 -1.50
CA TRP A 16 11.95 -10.14 -1.50
C TRP A 16 10.77 -9.82 -0.61
N TYR A 17 9.56 -10.50 -0.76
CA TYR A 17 8.21 -10.01 -0.52
C TYR A 17 7.88 -9.07 0.72
N ILE A 18 6.88 -8.18 0.56
CA ILE A 18 6.28 -7.36 1.58
C ILE A 18 7.20 -6.17 1.91
N LYS A 19 8.03 -6.42 2.97
CA LYS A 19 8.94 -5.62 3.71
C LYS A 19 8.53 -4.09 3.94
N LEU A 20 9.41 -3.17 4.35
CA LEU A 20 9.23 -1.67 4.61
C LEU A 20 8.49 -0.96 3.56
N PHE A 21 8.68 -1.45 2.30
CA PHE A 21 7.79 -1.12 1.14
C PHE A 21 6.32 -1.19 1.57
N ILE A 22 5.85 -2.39 2.00
CA ILE A 22 4.48 -2.45 2.37
C ILE A 22 4.41 -2.14 3.87
N MET A 23 5.42 -2.47 4.71
CA MET A 23 5.36 -2.25 6.15
C MET A 23 5.25 -0.82 6.64
N ILE A 24 6.10 0.07 6.12
CA ILE A 24 5.94 1.47 6.41
C ILE A 24 4.60 2.01 5.93
N VAL A 25 4.20 1.69 4.67
CA VAL A 25 2.97 2.32 4.09
C VAL A 25 1.75 1.87 4.95
N GLY A 26 1.75 0.60 5.41
CA GLY A 26 0.71 0.01 6.27
C GLY A 26 0.58 0.47 7.60
N GLY A 27 1.65 0.54 8.47
CA GLY A 27 1.52 1.00 9.83
C GLY A 27 1.30 2.49 9.94
N LEU A 28 1.79 3.28 8.94
CA LEU A 28 1.53 4.73 8.95
C LEU A 28 0.09 5.04 8.88
N VAL A 29 -0.58 4.38 7.98
CA VAL A 29 -2.02 4.62 7.82
C VAL A 29 -2.90 4.16 9.12
N GLY A 30 -2.53 3.00 9.71
CA GLY A 30 -2.89 2.70 11.12
C GLY A 30 -2.68 3.74 12.17
N LEU A 31 -1.49 4.33 12.29
CA LEU A 31 -1.13 5.50 13.07
C LEU A 31 -2.06 6.62 13.04
N ARG A 32 -2.51 7.07 11.83
CA ARG A 32 -3.45 8.17 11.73
C ARG A 32 -4.79 8.02 12.44
N ILE A 33 -5.28 6.81 12.50
CA ILE A 33 -6.62 6.45 13.05
C ILE A 33 -6.69 6.85 14.57
N VAL A 34 -5.66 6.42 15.26
CA VAL A 34 -5.58 6.51 16.76
C VAL A 34 -4.98 7.85 17.09
N PHE A 35 -4.28 8.49 16.19
CA PHE A 35 -3.82 9.82 16.34
C PHE A 35 -5.02 10.82 16.34
N ALA A 36 -6.06 10.63 15.46
CA ALA A 36 -7.34 11.44 15.66
C ALA A 36 -8.11 11.00 16.83
N VAL A 37 -8.08 9.72 17.24
CA VAL A 37 -8.61 9.36 18.56
C VAL A 37 -7.93 9.98 19.86
N LEU A 38 -6.59 10.08 20.05
CA LEU A 38 -5.86 10.70 21.16
C LEU A 38 -5.50 12.16 20.90
N SER A 39 -5.60 12.65 19.66
CA SER A 39 -5.37 14.04 19.34
C SER A 39 -6.51 14.57 18.47
N LYS B 1 -9.58 -32.92 8.10
CA LYS B 1 -9.34 -32.15 9.31
C LYS B 1 -9.42 -30.60 9.31
N TRP B 2 -8.71 -29.87 8.44
CA TRP B 2 -8.62 -28.40 8.54
C TRP B 2 -7.94 -27.76 7.30
N ALA B 3 -7.33 -28.52 6.40
CA ALA B 3 -6.66 -27.93 5.27
C ALA B 3 -7.55 -27.14 4.32
N SER B 4 -8.80 -27.61 4.07
CA SER B 4 -9.58 -26.98 3.03
C SER B 4 -9.87 -25.50 3.27
N LEU B 5 -10.17 -25.15 4.50
CA LEU B 5 -10.56 -23.76 4.82
C LEU B 5 -9.32 -22.87 5.04
N TRP B 6 -8.10 -23.45 5.31
CA TRP B 6 -6.83 -22.84 5.21
C TRP B 6 -6.43 -22.41 3.84
N ASN B 7 -6.67 -23.29 2.84
CA ASN B 7 -6.45 -23.02 1.41
C ASN B 7 -7.34 -21.96 0.88
N TRP B 8 -8.66 -22.02 1.20
CA TRP B 8 -9.65 -20.97 0.89
C TRP B 8 -9.15 -19.63 1.44
N PHE B 9 -8.57 -19.71 2.68
CA PHE B 9 -8.04 -18.52 3.40
C PHE B 9 -6.79 -17.84 2.83
N ASN B 10 -5.78 -18.63 2.35
CA ASN B 10 -4.54 -18.26 1.71
C ASN B 10 -4.82 -17.68 0.37
N ILE B 11 -5.78 -18.25 -0.37
CA ILE B 11 -6.29 -17.73 -1.72
C ILE B 11 -7.02 -16.36 -1.63
N THR B 12 -7.95 -16.32 -0.65
CA THR B 12 -8.55 -15.09 -0.19
C THR B 12 -7.57 -14.01 0.28
N ASN B 13 -6.65 -14.22 1.29
CA ASN B 13 -5.61 -13.34 1.79
C ASN B 13 -4.82 -12.64 0.67
N TRP B 14 -4.23 -13.45 -0.24
CA TRP B 14 -3.33 -13.14 -1.38
C TRP B 14 -2.34 -14.27 -1.59
N LEU B 15 -2.54 -15.00 -2.69
CA LEU B 15 -1.42 -15.70 -3.39
C LEU B 15 -1.23 -15.05 -4.76
N TRP B 16 -2.31 -14.43 -5.27
CA TRP B 16 -2.28 -14.00 -6.66
C TRP B 16 -3.20 -12.78 -6.68
N TYR B 17 -2.77 -11.70 -7.34
CA TYR B 17 -3.67 -10.68 -7.86
C TYR B 17 -4.39 -9.94 -6.78
N ILE B 18 -3.66 -9.02 -6.07
CA ILE B 18 -4.24 -7.92 -5.36
C ILE B 18 -4.69 -8.23 -3.91
N LYS B 19 -5.75 -8.94 -3.91
CA LYS B 19 -6.57 -9.40 -2.76
C LYS B 19 -6.59 -8.50 -1.51
N LEU B 20 -6.75 -9.00 -0.32
CA LEU B 20 -6.62 -8.42 1.06
C LEU B 20 -5.25 -7.92 1.35
N PHE B 21 -4.17 -8.36 0.69
CA PHE B 21 -2.86 -7.75 0.81
C PHE B 21 -2.90 -6.29 0.27
N ILE B 22 -3.46 -6.02 -0.89
CA ILE B 22 -3.69 -4.59 -1.17
C ILE B 22 -5.03 -4.13 -0.50
N MET B 23 -6.10 -4.93 -0.58
CA MET B 23 -7.34 -4.39 -0.05
C MET B 23 -7.41 -4.05 1.46
N ILE B 24 -6.64 -4.64 2.37
CA ILE B 24 -6.52 -4.10 3.77
C ILE B 24 -5.93 -2.68 3.78
N VAL B 25 -4.94 -2.50 2.92
CA VAL B 25 -4.21 -1.22 2.85
C VAL B 25 -5.03 -0.11 2.26
N GLY B 26 -5.72 -0.38 1.26
CA GLY B 26 -6.63 0.50 0.51
C GLY B 26 -7.88 0.87 1.22
N GLY B 27 -8.53 0.05 2.14
CA GLY B 27 -9.58 0.48 3.10
C GLY B 27 -9.16 1.40 4.16
N LEU B 28 -7.97 1.30 4.73
CA LEU B 28 -7.36 2.19 5.70
C LEU B 28 -7.18 3.54 5.12
N VAL B 29 -6.61 3.72 3.86
CA VAL B 29 -6.51 5.05 3.22
C VAL B 29 -7.78 5.61 2.97
N GLY B 30 -8.73 4.78 2.40
CA GLY B 30 -10.09 5.25 2.12
C GLY B 30 -10.81 5.76 3.33
N LEU B 31 -10.69 5.16 4.53
CA LEU B 31 -11.15 5.73 5.74
C LEU B 31 -10.72 7.14 6.13
N ARG B 32 -9.44 7.50 5.72
CA ARG B 32 -9.11 8.92 6.04
C ARG B 32 -9.86 9.93 5.14
N ILE B 33 -10.23 9.58 3.99
CA ILE B 33 -10.77 10.55 2.99
C ILE B 33 -12.07 11.17 3.49
N VAL B 34 -12.93 10.28 3.99
CA VAL B 34 -14.26 10.59 4.57
C VAL B 34 -14.12 11.16 5.96
N PHE B 35 -13.09 10.80 6.74
CA PHE B 35 -12.78 11.50 8.03
C PHE B 35 -12.41 12.97 7.85
N ALA B 36 -11.65 13.35 6.78
CA ALA B 36 -11.42 14.74 6.49
C ALA B 36 -12.70 15.35 5.89
N VAL B 37 -13.47 14.64 5.03
CA VAL B 37 -14.79 15.12 4.45
C VAL B 37 -15.85 15.47 5.48
N LEU B 38 -15.89 14.67 6.59
CA LEU B 38 -16.71 15.05 7.77
C LEU B 38 -16.13 16.02 8.78
N SER B 39 -14.83 16.44 8.61
CA SER B 39 -14.15 17.41 9.49
C SER B 39 -13.69 18.63 8.67
N LYS C 1 -8.29 -3.33 -30.79
CA LYS C 1 -8.38 -4.67 -30.11
C LYS C 1 -8.01 -4.76 -28.61
N TRP C 2 -8.56 -5.73 -27.86
CA TRP C 2 -8.40 -5.73 -26.41
C TRP C 2 -6.98 -5.89 -25.98
N ALA C 3 -6.14 -6.61 -26.77
CA ALA C 3 -4.75 -6.91 -26.40
C ALA C 3 -3.87 -5.73 -26.31
N SER C 4 -3.89 -4.80 -27.28
CA SER C 4 -3.31 -3.49 -27.19
C SER C 4 -3.90 -2.53 -26.12
N LEU C 5 -5.22 -2.49 -25.91
CA LEU C 5 -5.80 -1.71 -24.80
C LEU C 5 -5.36 -2.00 -23.44
N TRP C 6 -5.31 -3.25 -23.07
CA TRP C 6 -4.88 -3.82 -21.79
C TRP C 6 -3.30 -3.75 -21.55
N ASN C 7 -2.49 -3.90 -22.66
CA ASN C 7 -1.14 -3.47 -22.62
C ASN C 7 -0.98 -1.95 -22.32
N TRP C 8 -1.79 -1.11 -22.93
CA TRP C 8 -1.68 0.29 -22.77
C TRP C 8 -2.00 0.74 -21.30
N PHE C 9 -3.07 0.04 -20.74
CA PHE C 9 -3.38 0.15 -19.28
C PHE C 9 -2.24 -0.24 -18.34
N ASN C 10 -1.55 -1.43 -18.64
CA ASN C 10 -0.39 -1.83 -17.91
C ASN C 10 0.81 -0.93 -18.08
N ILE C 11 0.98 -0.43 -19.29
CA ILE C 11 1.98 0.54 -19.66
C ILE C 11 1.85 1.90 -18.92
N THR C 12 0.69 2.46 -18.95
CA THR C 12 0.31 3.72 -18.25
C THR C 12 0.38 3.68 -16.71
N ASN C 13 -0.18 2.58 -16.09
CA ASN C 13 -0.35 2.48 -14.66
C ASN C 13 0.93 1.75 -14.04
N TRP C 14 1.13 0.51 -14.42
CA TRP C 14 2.05 -0.40 -13.65
C TRP C 14 2.41 -1.70 -14.34
N LEU C 15 3.51 -1.69 -15.14
CA LEU C 15 4.10 -2.84 -15.83
C LEU C 15 5.24 -3.39 -15.06
N TRP C 16 5.93 -2.51 -14.28
CA TRP C 16 7.14 -2.80 -13.56
C TRP C 16 7.06 -2.15 -12.23
N TYR C 17 7.95 -2.52 -11.29
CA TYR C 17 7.86 -2.28 -9.85
C TYR C 17 7.38 -0.87 -9.35
N ILE C 18 6.50 -0.89 -8.33
CA ILE C 18 5.88 0.15 -7.57
C ILE C 18 4.79 0.87 -8.41
N LYS C 19 5.20 1.75 -9.31
CA LYS C 19 4.52 2.75 -10.15
C LYS C 19 3.42 3.55 -9.46
N LEU C 20 2.48 4.10 -10.25
CA LEU C 20 1.20 4.73 -9.91
C LEU C 20 0.24 3.93 -9.10
N PHE C 21 0.13 2.67 -9.33
CA PHE C 21 -0.43 1.60 -8.56
C PHE C 21 -0.09 1.68 -7.11
N ILE C 22 1.21 1.84 -6.78
CA ILE C 22 1.52 2.18 -5.39
C ILE C 22 1.64 3.64 -5.17
N MET C 23 2.20 4.45 -6.12
CA MET C 23 2.42 5.81 -5.76
C MET C 23 1.10 6.68 -5.53
N ILE C 24 -0.08 6.38 -6.16
CA ILE C 24 -1.27 7.14 -5.84
C ILE C 24 -1.67 6.82 -4.39
N VAL C 25 -1.58 5.54 -3.94
CA VAL C 25 -1.96 5.15 -2.62
C VAL C 25 -1.08 5.76 -1.56
N GLY C 26 0.18 5.80 -1.77
CA GLY C 26 1.13 6.11 -0.70
C GLY C 26 1.38 7.54 -0.58
N GLY C 27 1.42 8.28 -1.70
CA GLY C 27 1.55 9.75 -1.69
C GLY C 27 0.37 10.35 -1.10
N LEU C 28 -0.79 9.72 -1.26
CA LEU C 28 -1.98 10.18 -0.54
C LEU C 28 -2.00 10.15 0.96
N VAL C 29 -1.43 9.07 1.58
CA VAL C 29 -1.30 8.92 3.03
C VAL C 29 -0.38 10.01 3.54
N GLY C 30 0.70 10.21 2.77
CA GLY C 30 1.73 11.24 3.10
C GLY C 30 1.19 12.63 3.15
N LEU C 31 0.32 12.90 2.19
CA LEU C 31 -0.47 14.06 2.28
C LEU C 31 -1.19 14.33 3.72
N ARG C 32 -1.70 13.32 4.41
CA ARG C 32 -2.49 13.54 5.60
C ARG C 32 -1.69 13.84 6.87
N ILE C 33 -0.38 13.35 6.85
CA ILE C 33 0.58 13.56 7.91
C ILE C 33 0.84 15.09 8.14
N VAL C 34 0.99 15.82 6.98
CA VAL C 34 1.38 17.25 6.92
C VAL C 34 0.18 18.18 7.09
N PHE C 35 -0.99 17.60 6.72
CA PHE C 35 -2.33 18.08 7.04
C PHE C 35 -2.62 18.19 8.53
N ALA C 36 -2.13 17.22 9.36
CA ALA C 36 -2.13 17.44 10.75
C ALA C 36 -1.10 18.48 11.29
N VAL C 37 0.01 18.60 10.55
CA VAL C 37 1.16 19.37 11.05
C VAL C 37 0.85 20.86 10.82
N LEU C 38 0.06 21.21 9.82
CA LEU C 38 -0.34 22.55 9.47
C LEU C 38 -1.77 22.81 9.86
N SER C 39 -2.54 21.81 10.51
CA SER C 39 -3.85 22.09 11.14
C SER C 39 -3.55 21.96 12.71
N LYS A 1 33.41 3.12 0.79
CA LYS A 1 32.68 1.81 0.58
C LYS A 1 31.82 1.31 1.78
N TRP A 2 30.79 0.38 1.60
CA TRP A 2 29.82 -0.07 2.63
C TRP A 2 28.82 -1.05 2.07
N ALA A 3 29.25 -1.84 1.12
CA ALA A 3 28.45 -2.69 0.20
C ALA A 3 27.63 -3.76 0.87
N SER A 4 28.21 -4.49 1.84
CA SER A 4 27.54 -5.44 2.64
C SER A 4 26.36 -4.84 3.53
N LEU A 5 26.66 -3.67 4.12
CA LEU A 5 25.66 -2.81 4.77
C LEU A 5 24.66 -2.06 3.95
N TRP A 6 25.07 -1.83 2.72
CA TRP A 6 24.17 -1.34 1.75
C TRP A 6 23.15 -2.41 1.26
N ASN A 7 23.65 -3.62 1.17
CA ASN A 7 22.84 -4.76 0.77
C ASN A 7 21.85 -5.17 1.84
N TRP A 8 22.17 -5.10 3.14
CA TRP A 8 21.37 -5.15 4.37
C TRP A 8 20.33 -4.02 4.49
N PHE A 9 20.66 -2.80 4.10
CA PHE A 9 19.74 -1.71 4.08
C PHE A 9 18.74 -1.82 2.91
N ASN A 10 19.25 -2.13 1.69
CA ASN A 10 18.29 -2.61 0.68
C ASN A 10 17.39 -3.78 1.14
N ILE A 11 17.92 -4.86 1.82
CA ILE A 11 16.99 -5.80 2.48
C ILE A 11 16.02 -5.30 3.56
N THR A 12 16.48 -4.38 4.38
CA THR A 12 15.56 -3.74 5.39
C THR A 12 14.41 -2.94 4.77
N ASN A 13 14.80 -2.17 3.74
CA ASN A 13 13.95 -1.32 2.91
C ASN A 13 12.79 -2.13 2.25
N TRP A 14 13.22 -2.94 1.27
CA TRP A 14 12.34 -3.82 0.46
C TRP A 14 13.05 -4.40 -0.82
N LEU A 15 13.35 -5.70 -0.85
CA LEU A 15 13.56 -6.42 -2.03
C LEU A 15 12.59 -7.55 -2.11
N TRP A 16 11.92 -7.98 -1.03
CA TRP A 16 11.02 -9.13 -0.98
C TRP A 16 9.85 -8.75 -0.03
N TYR A 17 8.64 -9.19 -0.39
CA TYR A 17 7.33 -8.92 0.19
C TYR A 17 7.07 -8.11 1.47
N ILE A 18 6.42 -6.97 1.29
CA ILE A 18 5.85 -6.08 2.28
C ILE A 18 6.90 -5.05 2.70
N LYS A 19 7.68 -5.43 3.77
CA LYS A 19 8.72 -4.64 4.53
C LYS A 19 8.27 -3.22 4.79
N LEU A 20 9.14 -2.27 4.95
CA LEU A 20 9.00 -0.81 5.16
C LEU A 20 8.45 -0.18 3.94
N PHE A 21 8.59 -0.75 2.76
CA PHE A 21 7.84 -0.34 1.55
C PHE A 21 6.30 -0.32 1.78
N ILE A 22 5.64 -1.35 2.42
CA ILE A 22 4.27 -1.21 2.76
C ILE A 22 4.16 -0.78 4.22
N MET A 23 5.18 -1.23 5.12
CA MET A 23 5.00 -0.84 6.47
C MET A 23 5.13 0.61 6.85
N ILE A 24 5.95 1.33 6.06
CA ILE A 24 5.89 2.79 6.16
C ILE A 24 4.53 3.41 5.93
N VAL A 25 3.81 2.99 4.86
CA VAL A 25 2.51 3.61 4.56
C VAL A 25 1.43 3.10 5.57
N GLY A 26 1.49 1.85 5.93
CA GLY A 26 0.48 1.27 6.84
C GLY A 26 0.49 1.69 8.27
N GLY A 27 1.72 1.87 8.87
CA GLY A 27 1.77 2.46 10.21
C GLY A 27 1.37 3.89 10.18
N LEU A 28 1.87 4.72 9.29
CA LEU A 28 1.60 6.15 9.34
C LEU A 28 0.12 6.43 9.18
N VAL A 29 -0.59 5.76 8.27
CA VAL A 29 -2.08 5.69 8.28
C VAL A 29 -2.83 5.25 9.49
N GLY A 30 -2.23 4.30 10.26
CA GLY A 30 -2.89 3.90 11.53
C GLY A 30 -2.57 4.80 12.68
N LEU A 31 -1.44 5.54 12.60
CA LEU A 31 -1.05 6.48 13.57
C LEU A 31 -2.03 7.64 13.51
N ARG A 32 -2.54 7.99 12.26
CA ARG A 32 -3.56 9.05 12.11
C ARG A 32 -4.85 8.88 12.99
N ILE A 33 -5.40 7.63 13.12
CA ILE A 33 -6.64 7.39 13.85
C ILE A 33 -6.56 7.94 15.30
N VAL A 34 -5.59 7.38 16.05
CA VAL A 34 -5.40 7.83 17.38
C VAL A 34 -4.92 9.28 17.56
N PHE A 35 -4.01 9.79 16.70
CA PHE A 35 -3.64 11.17 16.60
C PHE A 35 -4.88 12.03 16.68
N ALA A 36 -5.88 11.85 15.74
CA ALA A 36 -7.12 12.47 15.63
C ALA A 36 -8.07 12.30 16.81
N VAL A 37 -8.09 11.06 17.32
CA VAL A 37 -8.79 10.78 18.54
C VAL A 37 -8.33 11.55 19.68
N LEU A 38 -6.98 11.64 19.92
CA LEU A 38 -6.40 12.31 21.08
C LEU A 38 -6.30 13.84 20.87
N SER A 39 -6.40 14.30 19.62
CA SER A 39 -6.10 15.71 19.30
C SER A 39 -7.21 16.27 18.35
N LYS B 1 -8.69 -31.38 7.62
CA LYS B 1 -8.50 -30.67 8.86
C LYS B 1 -8.82 -29.17 8.91
N TRP B 2 -8.07 -28.36 8.15
CA TRP B 2 -8.38 -26.99 8.01
C TRP B 2 -7.71 -26.38 6.78
N ALA B 3 -6.96 -27.24 6.01
CA ALA B 3 -6.10 -26.67 4.98
C ALA B 3 -6.74 -25.91 3.79
N SER B 4 -7.88 -26.41 3.24
CA SER B 4 -8.70 -25.75 2.25
C SER B 4 -9.14 -24.33 2.68
N LEU B 5 -9.64 -24.26 3.91
CA LEU B 5 -10.07 -23.04 4.53
C LEU B 5 -8.83 -22.09 4.82
N TRP B 6 -7.58 -22.48 5.17
CA TRP B 6 -6.48 -21.62 5.08
C TRP B 6 -6.20 -21.15 3.68
N ASN B 7 -6.36 -21.96 2.61
CA ASN B 7 -6.23 -21.45 1.23
C ASN B 7 -7.35 -20.36 0.91
N TRP B 8 -8.58 -20.50 1.41
CA TRP B 8 -9.57 -19.45 1.25
C TRP B 8 -9.09 -18.12 1.88
N PHE B 9 -8.51 -18.23 3.08
CA PHE B 9 -7.95 -17.03 3.75
C PHE B 9 -6.76 -16.44 3.02
N ASN B 10 -5.89 -17.25 2.46
CA ASN B 10 -4.89 -16.77 1.53
C ASN B 10 -5.43 -16.07 0.29
N ILE B 11 -6.44 -16.67 -0.41
CA ILE B 11 -7.21 -16.02 -1.50
C ILE B 11 -7.86 -14.75 -1.15
N THR B 12 -8.53 -14.64 0.00
CA THR B 12 -8.99 -13.40 0.53
C THR B 12 -7.90 -12.46 0.82
N ASN B 13 -6.81 -12.91 1.40
CA ASN B 13 -5.84 -11.89 1.82
C ASN B 13 -4.99 -11.32 0.72
N TRP B 14 -4.45 -12.22 -0.17
CA TRP B 14 -3.79 -11.99 -1.43
C TRP B 14 -3.03 -13.27 -1.82
N LEU B 15 -3.54 -14.04 -2.72
CA LEU B 15 -2.81 -15.14 -3.27
C LEU B 15 -2.43 -14.73 -4.67
N TRP B 16 -3.07 -13.71 -5.25
CA TRP B 16 -2.90 -13.28 -6.61
C TRP B 16 -3.62 -11.90 -6.68
N TYR B 17 -2.91 -10.82 -7.03
CA TYR B 17 -3.40 -9.57 -7.41
C TYR B 17 -4.21 -8.82 -6.32
N ILE B 18 -3.57 -7.76 -5.82
CA ILE B 18 -4.12 -6.62 -5.07
C ILE B 18 -4.73 -6.90 -3.71
N LYS B 19 -5.91 -7.56 -3.65
CA LYS B 19 -6.84 -7.85 -2.52
C LYS B 19 -6.82 -6.99 -1.31
N LEU B 20 -6.73 -7.46 -0.06
CA LEU B 20 -6.71 -6.84 1.24
C LEU B 20 -5.42 -6.23 1.56
N PHE B 21 -4.37 -6.85 0.98
CA PHE B 21 -3.01 -6.48 0.85
C PHE B 21 -2.90 -5.02 0.45
N ILE B 22 -3.60 -4.64 -0.65
CA ILE B 22 -3.65 -3.23 -1.00
C ILE B 22 -5.00 -2.63 -0.49
N MET B 23 -6.08 -3.44 -0.31
CA MET B 23 -7.27 -2.76 0.28
C MET B 23 -7.09 -2.23 1.75
N ILE B 24 -6.22 -2.84 2.62
CA ILE B 24 -6.04 -2.27 3.98
C ILE B 24 -5.36 -0.87 3.88
N VAL B 25 -4.24 -0.75 3.12
CA VAL B 25 -3.65 0.59 2.84
C VAL B 25 -4.51 1.70 2.12
N GLY B 26 -5.23 1.29 1.07
CA GLY B 26 -5.97 2.20 0.22
C GLY B 26 -7.22 2.75 0.76
N GLY B 27 -7.95 1.84 1.47
CA GLY B 27 -9.14 2.13 2.20
C GLY B 27 -8.92 3.04 3.42
N LEU B 28 -7.85 2.76 4.23
CA LEU B 28 -7.34 3.69 5.34
C LEU B 28 -6.95 5.10 4.97
N VAL B 29 -6.15 5.30 3.89
CA VAL B 29 -5.83 6.69 3.28
C VAL B 29 -7.05 7.32 2.79
N GLY B 30 -7.99 6.59 2.12
CA GLY B 30 -9.24 7.16 1.62
C GLY B 30 -10.22 7.53 2.70
N LEU B 31 -10.25 6.78 3.80
CA LEU B 31 -10.99 7.15 5.05
C LEU B 31 -10.45 8.54 5.62
N ARG B 32 -9.19 8.95 5.50
CA ARG B 32 -8.76 10.29 5.97
C ARG B 32 -9.41 11.55 5.19
N ILE B 33 -9.64 11.39 3.83
CA ILE B 33 -10.28 12.32 2.90
C ILE B 33 -11.66 12.81 3.44
N VAL B 34 -12.58 11.87 3.83
CA VAL B 34 -14.02 12.02 4.16
C VAL B 34 -14.10 12.31 5.67
N PHE B 35 -13.11 11.72 6.41
CA PHE B 35 -12.85 12.18 7.78
C PHE B 35 -12.61 13.65 7.85
N ALA B 36 -11.76 14.33 6.93
CA ALA B 36 -11.62 15.80 6.98
C ALA B 36 -12.87 16.55 6.43
N VAL B 37 -13.65 15.89 5.45
CA VAL B 37 -14.92 16.40 4.89
C VAL B 37 -16.01 16.54 5.97
N LEU B 38 -16.02 15.56 6.80
CA LEU B 38 -16.97 15.54 7.91
C LEU B 38 -16.43 16.21 9.17
N SER B 39 -15.15 16.66 9.28
CA SER B 39 -14.83 17.52 10.33
C SER B 39 -14.46 18.89 9.87
N LYS C 1 -9.19 -1.97 -29.63
CA LYS C 1 -9.47 -3.05 -28.63
C LYS C 1 -9.06 -2.90 -27.17
N TRP C 2 -9.69 -3.67 -26.26
CA TRP C 2 -9.53 -3.57 -24.83
C TRP C 2 -8.10 -3.81 -24.40
N ALA C 3 -7.32 -4.81 -24.98
CA ALA C 3 -6.01 -5.14 -24.45
C ALA C 3 -4.98 -3.98 -24.57
N SER C 4 -5.15 -3.01 -25.53
CA SER C 4 -4.13 -2.03 -25.65
C SER C 4 -4.48 -0.79 -24.88
N LEU C 5 -5.78 -0.54 -24.62
CA LEU C 5 -6.31 0.38 -23.67
C LEU C 5 -5.95 0.04 -22.20
N TRP C 6 -6.11 -1.23 -21.79
CA TRP C 6 -5.70 -1.77 -20.55
C TRP C 6 -4.10 -1.71 -20.37
N ASN C 7 -3.28 -2.03 -21.38
CA ASN C 7 -1.79 -1.84 -21.26
C ASN C 7 -1.47 -0.30 -21.16
N TRP C 8 -2.23 0.51 -21.82
CA TRP C 8 -2.10 1.98 -21.67
C TRP C 8 -2.40 2.45 -20.27
N PHE C 9 -3.47 1.95 -19.64
CA PHE C 9 -3.83 2.18 -18.22
C PHE C 9 -2.65 1.78 -17.31
N ASN C 10 -2.08 0.57 -17.49
CA ASN C 10 -0.87 0.22 -16.79
C ASN C 10 0.38 1.19 -17.08
N ILE C 11 0.54 1.65 -18.32
CA ILE C 11 1.52 2.55 -18.76
C ILE C 11 1.46 3.90 -18.02
N THR C 12 0.26 4.40 -17.77
CA THR C 12 -0.04 5.56 -17.01
C THR C 12 0.00 5.36 -15.51
N ASN C 13 -0.67 4.40 -14.93
CA ASN C 13 -0.70 4.12 -13.49
C ASN C 13 0.56 3.50 -12.90
N TRP C 14 1.08 2.46 -13.50
CA TRP C 14 1.90 1.42 -12.88
C TRP C 14 2.18 0.26 -13.84
N LEU C 15 3.43 0.25 -14.46
CA LEU C 15 3.89 -0.72 -15.36
C LEU C 15 4.97 -1.60 -14.73
N TRP C 16 5.97 -1.06 -13.96
CA TRP C 16 6.88 -1.66 -13.06
C TRP C 16 6.75 -1.13 -11.65
N TYR C 17 7.06 -1.96 -10.61
CA TYR C 17 7.00 -1.63 -9.19
C TYR C 17 7.04 -0.21 -8.69
N ILE C 18 6.17 0.10 -7.68
CA ILE C 18 6.16 1.26 -6.82
C ILE C 18 5.10 2.21 -7.36
N LYS C 19 5.55 3.14 -8.29
CA LYS C 19 4.85 4.09 -9.10
C LYS C 19 3.78 4.94 -8.48
N LEU C 20 2.74 5.44 -9.20
CA LEU C 20 1.67 6.26 -8.75
C LEU C 20 0.69 5.36 -8.00
N PHE C 21 0.78 4.11 -8.21
CA PHE C 21 -0.01 3.05 -7.56
C PHE C 21 0.19 3.14 -6.07
N ILE C 22 1.53 3.27 -5.64
CA ILE C 22 1.87 3.39 -4.27
C ILE C 22 2.07 4.91 -4.11
N MET C 23 2.50 5.69 -5.12
CA MET C 23 2.84 7.15 -4.89
C MET C 23 1.64 8.04 -4.68
N ILE C 24 0.42 7.78 -5.31
CA ILE C 24 -0.74 8.54 -4.92
C ILE C 24 -1.10 8.37 -3.47
N VAL C 25 -1.20 7.14 -2.96
CA VAL C 25 -1.54 6.77 -1.59
C VAL C 25 -0.53 7.26 -0.56
N GLY C 26 0.74 7.16 -0.87
CA GLY C 26 1.83 7.65 -0.04
C GLY C 26 1.96 9.12 0.16
N GLY C 27 1.51 9.95 -0.83
CA GLY C 27 1.53 11.46 -0.71
C GLY C 27 0.44 11.88 0.17
N LEU C 28 -0.76 11.26 0.05
CA LEU C 28 -1.86 11.59 0.89
C LEU C 28 -1.50 11.41 2.39
N VAL C 29 -0.75 10.39 2.75
CA VAL C 29 -0.36 10.24 4.13
C VAL C 29 0.50 11.37 4.61
N GLY C 30 1.52 11.66 3.78
CA GLY C 30 2.48 12.74 4.09
C GLY C 30 1.86 14.07 4.30
N LEU C 31 0.86 14.31 3.46
CA LEU C 31 -0.03 15.52 3.50
C LEU C 31 -0.78 15.67 4.86
N ARG C 32 -1.36 14.64 5.43
CA ARG C 32 -2.06 14.75 6.73
C ARG C 32 -1.27 14.97 8.05
N ILE C 33 -0.07 14.51 8.05
CA ILE C 33 0.97 14.80 8.97
C ILE C 33 1.16 16.34 9.27
N VAL C 34 1.53 17.03 8.18
CA VAL C 34 1.74 18.46 8.21
C VAL C 34 0.51 19.30 8.43
N PHE C 35 -0.60 18.82 8.00
CA PHE C 35 -1.86 19.31 8.31
C PHE C 35 -2.13 19.35 9.79
N ALA C 36 -1.57 18.38 10.58
CA ALA C 36 -1.67 18.44 12.01
C ALA C 36 -0.67 19.42 12.59
N VAL C 37 0.54 19.48 12.01
CA VAL C 37 1.64 20.39 12.31
C VAL C 37 1.27 21.86 12.12
N LEU C 38 0.60 22.20 11.04
CA LEU C 38 0.22 23.54 10.77
C LEU C 38 -1.21 23.77 11.30
N SER C 39 -1.88 22.80 11.93
CA SER C 39 -3.00 23.08 12.82
C SER C 39 -2.63 22.90 14.31
N LYS A 1 34.37 4.04 1.73
CA LYS A 1 33.55 2.84 1.39
C LYS A 1 32.56 2.41 2.54
N TRP A 2 31.52 1.70 2.18
CA TRP A 2 30.52 1.30 3.15
C TRP A 2 29.68 0.10 2.68
N ALA A 3 30.24 -0.81 1.86
CA ALA A 3 29.53 -1.84 1.14
C ALA A 3 28.73 -2.89 1.87
N SER A 4 29.18 -3.44 3.00
CA SER A 4 28.27 -4.33 3.78
C SER A 4 27.28 -3.49 4.59
N LEU A 5 27.67 -2.30 5.13
CA LEU A 5 26.71 -1.36 5.69
C LEU A 5 25.53 -0.95 4.76
N TRP A 6 25.96 -0.70 3.51
CA TRP A 6 25.13 -0.38 2.39
C TRP A 6 24.18 -1.52 2.00
N ASN A 7 24.74 -2.77 1.98
CA ASN A 7 23.99 -4.00 1.85
C ASN A 7 22.92 -4.24 2.89
N TRP A 8 23.25 -3.99 4.16
CA TRP A 8 22.38 -4.02 5.26
C TRP A 8 21.21 -3.06 5.16
N PHE A 9 21.57 -1.90 4.73
CA PHE A 9 20.62 -0.84 4.47
C PHE A 9 19.62 -1.09 3.29
N ASN A 10 20.07 -1.65 2.14
CA ASN A 10 19.27 -1.98 0.98
C ASN A 10 18.29 -3.07 1.31
N ILE A 11 18.74 -4.06 1.99
CA ILE A 11 18.02 -5.15 2.57
C ILE A 11 16.93 -4.80 3.56
N THR A 12 17.16 -3.73 4.37
CA THR A 12 16.16 -3.17 5.23
C THR A 12 15.02 -2.51 4.49
N ASN A 13 15.34 -1.77 3.43
CA ASN A 13 14.42 -0.93 2.70
C ASN A 13 13.38 -1.67 1.92
N TRP A 14 13.87 -2.49 0.95
CA TRP A 14 13.14 -3.45 0.14
C TRP A 14 14.01 -4.07 -0.99
N LEU A 15 14.60 -5.23 -0.77
CA LEU A 15 15.13 -5.96 -1.86
C LEU A 15 14.55 -7.35 -2.10
N TRP A 16 14.05 -7.96 -1.05
CA TRP A 16 13.07 -9.02 -1.00
C TRP A 16 11.75 -8.64 -0.22
N TYR A 17 10.57 -8.92 -0.82
CA TYR A 17 9.17 -8.50 -0.58
C TYR A 17 8.81 -7.80 0.73
N ILE A 18 7.91 -6.77 0.63
CA ILE A 18 7.18 -6.15 1.71
C ILE A 18 7.95 -4.89 2.39
N LYS A 19 8.62 -5.14 3.53
CA LYS A 19 9.58 -4.24 4.17
C LYS A 19 9.02 -2.92 4.62
N LEU A 20 9.92 -1.85 4.75
CA LEU A 20 9.64 -0.44 4.95
C LEU A 20 9.04 0.20 3.78
N PHE A 21 9.23 -0.25 2.53
CA PHE A 21 8.52 0.12 1.35
C PHE A 21 6.93 -0.10 1.58
N ILE A 22 6.48 -1.19 2.19
CA ILE A 22 5.08 -1.33 2.70
C ILE A 22 4.89 -0.79 4.14
N MET A 23 5.91 -1.04 5.03
CA MET A 23 5.54 -0.68 6.43
C MET A 23 5.65 0.90 6.74
N ILE A 24 6.53 1.67 6.00
CA ILE A 24 6.32 3.13 6.03
C ILE A 24 5.00 3.68 5.46
N VAL A 25 4.57 3.21 4.29
CA VAL A 25 3.33 3.67 3.68
C VAL A 25 2.03 3.32 4.44
N GLY A 26 2.02 2.06 4.97
CA GLY A 26 0.90 1.43 5.62
C GLY A 26 0.77 1.90 7.00
N GLY A 27 1.82 1.99 7.87
CA GLY A 27 1.77 2.48 9.25
C GLY A 27 1.39 3.97 9.33
N LEU A 28 1.74 4.74 8.31
CA LEU A 28 1.34 6.08 8.25
C LEU A 28 -0.19 6.29 8.11
N VAL A 29 -0.84 5.50 7.31
CA VAL A 29 -2.34 5.51 7.16
C VAL A 29 -3.01 5.24 8.51
N GLY A 30 -2.51 4.20 9.26
CA GLY A 30 -2.91 3.82 10.63
C GLY A 30 -2.79 4.94 11.66
N LEU A 31 -1.68 5.61 11.56
CA LEU A 31 -1.38 6.75 12.40
C LEU A 31 -2.25 7.98 12.31
N ARG A 32 -2.70 8.26 11.08
CA ARG A 32 -3.80 9.24 10.83
C ARG A 32 -5.12 9.09 11.61
N ILE A 33 -5.51 7.80 11.80
CA ILE A 33 -6.77 7.44 12.46
C ILE A 33 -6.88 7.97 13.94
N VAL A 34 -5.96 7.45 14.75
CA VAL A 34 -5.84 7.68 16.20
C VAL A 34 -5.24 9.15 16.44
N PHE A 35 -4.41 9.67 15.46
CA PHE A 35 -3.94 11.00 15.47
C PHE A 35 -5.10 11.98 15.46
N ALA A 36 -6.15 11.71 14.69
CA ALA A 36 -7.28 12.62 14.61
C ALA A 36 -8.22 12.29 15.75
N VAL A 37 -8.33 11.05 16.34
CA VAL A 37 -9.07 10.75 17.62
C VAL A 37 -8.45 11.53 18.79
N LEU A 38 -7.10 11.82 18.91
CA LEU A 38 -6.50 12.48 20.06
C LEU A 38 -6.15 13.94 19.79
N SER A 39 -6.27 14.30 18.54
CA SER A 39 -6.30 15.72 18.23
C SER A 39 -7.72 16.11 17.70
N LYS B 1 -8.92 -31.98 8.47
CA LYS B 1 -8.55 -30.96 9.54
C LYS B 1 -8.87 -29.44 9.14
N TRP B 2 -7.89 -28.66 8.63
CA TRP B 2 -8.06 -27.24 8.41
C TRP B 2 -7.47 -26.62 7.17
N ALA B 3 -6.74 -27.40 6.36
CA ALA B 3 -6.09 -26.90 5.19
C ALA B 3 -6.97 -26.16 4.19
N SER B 4 -8.09 -26.69 3.82
CA SER B 4 -9.03 -26.10 2.81
C SER B 4 -9.41 -24.67 3.03
N LEU B 5 -9.83 -24.43 4.28
CA LEU B 5 -10.16 -23.08 4.65
C LEU B 5 -8.91 -22.23 4.89
N TRP B 6 -7.78 -22.79 5.36
CA TRP B 6 -6.47 -22.11 5.31
C TRP B 6 -6.04 -21.72 3.96
N ASN B 7 -6.23 -22.54 2.89
CA ASN B 7 -5.90 -22.17 1.48
C ASN B 7 -6.79 -20.99 1.05
N TRP B 8 -8.01 -21.04 1.56
CA TRP B 8 -8.93 -19.95 1.34
C TRP B 8 -8.52 -18.58 1.92
N PHE B 9 -8.04 -18.61 3.16
CA PHE B 9 -7.48 -17.46 3.88
C PHE B 9 -6.17 -16.89 3.16
N ASN B 10 -5.17 -17.74 2.70
CA ASN B 10 -4.16 -17.22 1.81
C ASN B 10 -4.55 -16.56 0.51
N ILE B 11 -5.48 -17.21 -0.27
CA ILE B 11 -5.95 -16.71 -1.58
C ILE B 11 -6.57 -15.39 -1.41
N THR B 12 -7.42 -15.22 -0.36
CA THR B 12 -8.08 -13.98 0.01
C THR B 12 -7.20 -12.89 0.43
N ASN B 13 -6.15 -13.18 1.23
CA ASN B 13 -5.16 -12.15 1.60
C ASN B 13 -4.30 -11.59 0.44
N TRP B 14 -3.75 -12.48 -0.42
CA TRP B 14 -2.93 -12.20 -1.60
C TRP B 14 -2.08 -13.49 -1.78
N LEU B 15 -2.34 -14.26 -2.87
CA LEU B 15 -1.46 -15.18 -3.59
C LEU B 15 -1.13 -14.58 -4.92
N TRP B 16 -2.14 -14.04 -5.59
CA TRP B 16 -1.96 -13.57 -6.98
C TRP B 16 -2.77 -12.33 -7.11
N TYR B 17 -2.51 -11.44 -8.07
CA TYR B 17 -3.44 -10.31 -8.41
C TYR B 17 -3.93 -9.38 -7.31
N ILE B 18 -3.16 -8.44 -6.72
CA ILE B 18 -3.57 -7.21 -5.97
C ILE B 18 -4.06 -7.50 -4.51
N LYS B 19 -5.26 -8.09 -4.38
CA LYS B 19 -6.03 -8.53 -3.17
C LYS B 19 -6.02 -7.54 -2.02
N LEU B 20 -5.98 -7.90 -0.76
CA LEU B 20 -5.91 -7.14 0.43
C LEU B 20 -4.49 -6.81 0.82
N PHE B 21 -3.49 -7.37 0.13
CA PHE B 21 -2.17 -6.79 0.23
C PHE B 21 -2.15 -5.36 -0.32
N ILE B 22 -2.83 -4.99 -1.45
CA ILE B 22 -2.97 -3.61 -1.87
C ILE B 22 -4.34 -3.13 -1.29
N MET B 23 -5.45 -3.98 -1.02
CA MET B 23 -6.63 -3.21 -0.63
C MET B 23 -6.67 -2.86 0.81
N ILE B 24 -5.72 -3.42 1.64
CA ILE B 24 -5.39 -2.72 2.92
C ILE B 24 -4.92 -1.22 2.78
N VAL B 25 -3.91 -0.94 1.88
CA VAL B 25 -3.41 0.46 1.82
C VAL B 25 -4.40 1.40 1.06
N GLY B 26 -4.91 0.96 -0.09
CA GLY B 26 -5.73 1.81 -0.95
C GLY B 26 -7.13 2.01 -0.38
N GLY B 27 -7.83 1.03 0.33
CA GLY B 27 -9.09 1.20 1.07
C GLY B 27 -8.95 2.20 2.23
N LEU B 28 -7.94 2.00 3.08
CA LEU B 28 -7.75 2.85 4.26
C LEU B 28 -7.46 4.28 3.91
N VAL B 29 -6.74 4.63 2.84
CA VAL B 29 -6.60 5.96 2.28
C VAL B 29 -7.91 6.50 1.78
N GLY B 30 -8.73 5.70 1.05
CA GLY B 30 -10.13 5.96 0.68
C GLY B 30 -10.90 6.50 1.86
N LEU B 31 -10.79 5.89 3.00
CA LEU B 31 -11.49 6.25 4.18
C LEU B 31 -11.18 7.68 4.63
N ARG B 32 -9.88 8.16 4.57
CA ARG B 32 -9.47 9.45 5.01
C ARG B 32 -10.16 10.59 4.23
N ILE B 33 -10.37 10.41 2.94
CA ILE B 33 -10.89 11.32 1.98
C ILE B 33 -12.26 11.85 2.30
N VAL B 34 -13.20 10.94 2.67
CA VAL B 34 -14.60 11.18 3.02
C VAL B 34 -14.70 11.58 4.45
N PHE B 35 -13.73 11.13 5.27
CA PHE B 35 -13.60 11.61 6.69
C PHE B 35 -13.34 13.11 6.71
N ALA B 36 -12.41 13.69 5.85
CA ALA B 36 -12.23 15.08 5.68
C ALA B 36 -13.39 15.84 4.91
N VAL B 37 -14.15 15.21 3.95
CA VAL B 37 -15.39 15.76 3.41
C VAL B 37 -16.48 15.99 4.50
N LEU B 38 -16.82 14.90 5.32
CA LEU B 38 -17.63 15.13 6.45
C LEU B 38 -17.19 15.94 7.65
N SER B 39 -15.88 15.90 7.99
CA SER B 39 -15.33 16.73 9.07
C SER B 39 -14.43 17.97 8.59
N LYS C 1 -7.73 -2.83 -30.96
CA LYS C 1 -8.47 -3.77 -30.06
C LYS C 1 -8.00 -3.92 -28.64
N TRP C 2 -8.85 -4.53 -27.80
CA TRP C 2 -8.78 -4.48 -26.34
C TRP C 2 -7.43 -4.78 -25.69
N ALA C 3 -6.66 -5.77 -26.15
CA ALA C 3 -5.48 -6.20 -25.48
C ALA C 3 -4.36 -5.12 -25.34
N SER C 4 -4.14 -4.35 -26.46
CA SER C 4 -3.35 -3.11 -26.60
C SER C 4 -3.88 -1.99 -25.72
N LEU C 5 -5.19 -1.78 -25.62
CA LEU C 5 -5.74 -0.81 -24.69
C LEU C 5 -5.36 -1.27 -23.29
N TRP C 6 -5.53 -2.56 -22.94
CA TRP C 6 -5.18 -3.02 -21.60
C TRP C 6 -3.68 -2.99 -21.26
N ASN C 7 -2.81 -3.36 -22.30
CA ASN C 7 -1.36 -3.21 -22.11
C ASN C 7 -0.97 -1.76 -21.86
N TRP C 8 -1.61 -0.74 -22.54
CA TRP C 8 -1.42 0.69 -22.38
C TRP C 8 -1.73 1.18 -21.01
N PHE C 9 -2.81 0.71 -20.32
CA PHE C 9 -2.93 0.92 -18.85
C PHE C 9 -1.75 0.54 -18.05
N ASN C 10 -1.14 -0.64 -18.32
CA ASN C 10 0.09 -1.00 -17.67
C ASN C 10 1.24 -0.05 -18.06
N ILE C 11 1.36 0.32 -19.33
CA ILE C 11 2.36 1.27 -19.75
C ILE C 11 2.22 2.60 -18.98
N THR C 12 0.97 3.16 -18.87
CA THR C 12 0.68 4.28 -18.01
C THR C 12 0.86 4.22 -16.61
N ASN C 13 0.38 3.16 -15.87
CA ASN C 13 0.29 3.23 -14.45
C ASN C 13 1.46 2.59 -13.81
N TRP C 14 2.04 1.50 -14.34
CA TRP C 14 2.88 0.58 -13.62
C TRP C 14 3.20 -0.52 -14.56
N LEU C 15 4.11 -0.30 -15.54
CA LEU C 15 4.66 -1.25 -16.41
C LEU C 15 5.67 -2.14 -15.67
N TRP C 16 6.53 -1.54 -14.83
CA TRP C 16 7.41 -2.27 -13.96
C TRP C 16 7.77 -1.49 -12.75
N TYR C 17 7.50 -2.04 -11.57
CA TYR C 17 8.00 -1.67 -10.22
C TYR C 17 7.59 -0.27 -9.71
N ILE C 18 6.84 -0.22 -8.62
CA ILE C 18 6.49 1.12 -8.10
C ILE C 18 5.53 1.82 -9.06
N LYS C 19 5.96 2.94 -9.65
CA LYS C 19 5.21 3.90 -10.48
C LYS C 19 3.97 4.51 -9.82
N LEU C 20 3.02 4.98 -10.56
CA LEU C 20 1.66 5.53 -10.16
C LEU C 20 0.89 4.62 -9.28
N PHE C 21 0.96 3.32 -9.59
CA PHE C 21 0.43 2.28 -8.79
C PHE C 21 0.74 2.43 -7.32
N ILE C 22 1.97 2.73 -6.99
CA ILE C 22 2.30 3.16 -5.69
C ILE C 22 2.18 4.69 -5.64
N MET C 23 2.68 5.50 -6.53
CA MET C 23 2.82 6.93 -6.30
C MET C 23 1.55 7.70 -6.33
N ILE C 24 0.37 7.20 -6.85
CA ILE C 24 -0.89 7.75 -6.50
C ILE C 24 -1.28 7.45 -5.04
N VAL C 25 -1.07 6.22 -4.51
CA VAL C 25 -1.33 5.99 -3.05
C VAL C 25 -0.56 6.84 -2.08
N GLY C 26 0.77 6.95 -2.34
CA GLY C 26 1.74 7.58 -1.51
C GLY C 26 1.54 9.02 -1.33
N GLY C 27 1.22 9.60 -2.45
CA GLY C 27 0.92 11.09 -2.49
C GLY C 27 -0.30 11.44 -1.74
N LEU C 28 -1.38 10.62 -1.78
CA LEU C 28 -2.54 10.89 -1.04
C LEU C 28 -2.42 10.83 0.53
N VAL C 29 -1.58 9.86 0.93
CA VAL C 29 -1.39 9.76 2.31
C VAL C 29 -0.40 10.84 2.91
N GLY C 30 0.55 11.23 2.06
CA GLY C 30 1.44 12.35 2.28
C GLY C 30 0.67 13.67 2.36
N LEU C 31 -0.28 13.89 1.48
CA LEU C 31 -1.16 15.01 1.46
C LEU C 31 -1.92 15.26 2.77
N ARG C 32 -2.47 14.24 3.40
CA ARG C 32 -3.12 14.45 4.69
C ARG C 32 -2.27 14.72 5.97
N ILE C 33 -1.01 14.22 6.06
CA ILE C 33 -0.09 14.55 7.16
C ILE C 33 0.31 15.96 7.28
N VAL C 34 0.69 16.60 6.18
CA VAL C 34 1.00 17.97 6.03
C VAL C 34 -0.19 18.87 6.31
N PHE C 35 -1.37 18.44 5.89
CA PHE C 35 -2.60 19.09 6.15
C PHE C 35 -2.88 19.29 7.64
N ALA C 36 -2.57 18.37 8.49
CA ALA C 36 -2.61 18.39 9.89
C ALA C 36 -1.39 19.20 10.46
N VAL C 37 -0.16 19.00 9.91
CA VAL C 37 1.00 19.78 10.28
C VAL C 37 0.81 21.31 9.98
N LEU C 38 0.20 21.73 8.91
CA LEU C 38 -0.10 23.13 8.72
C LEU C 38 -1.45 23.51 9.36
N SER C 39 -2.38 22.63 9.63
CA SER C 39 -3.65 22.99 10.27
C SER C 39 -3.62 22.55 11.75
N LYS A 1 33.13 4.51 1.17
CA LYS A 1 32.13 3.53 0.67
C LYS A 1 31.35 2.96 1.84
N TRP A 2 30.28 2.14 1.62
CA TRP A 2 29.53 1.58 2.78
C TRP A 2 28.37 0.69 2.32
N ALA A 3 28.60 -0.04 1.23
CA ALA A 3 27.63 -0.77 0.42
C ALA A 3 26.84 -1.87 1.25
N SER A 4 27.43 -2.60 2.17
CA SER A 4 26.74 -3.50 3.05
C SER A 4 25.66 -2.74 3.90
N LEU A 5 26.04 -1.56 4.48
CA LEU A 5 25.14 -0.70 5.25
C LEU A 5 23.97 -0.15 4.43
N TRP A 6 24.27 0.37 3.28
CA TRP A 6 23.40 0.76 2.20
C TRP A 6 22.46 -0.33 1.70
N ASN A 7 23.03 -1.52 1.51
CA ASN A 7 22.32 -2.65 1.00
C ASN A 7 21.31 -3.08 2.05
N TRP A 8 21.73 -3.09 3.32
CA TRP A 8 20.90 -3.43 4.44
C TRP A 8 19.78 -2.45 4.61
N PHE A 9 19.96 -1.13 4.41
CA PHE A 9 18.98 -0.09 4.40
C PHE A 9 17.91 -0.28 3.37
N ASN A 10 18.35 -0.56 2.09
CA ASN A 10 17.52 -1.05 1.05
C ASN A 10 16.72 -2.28 1.34
N ILE A 11 17.39 -3.30 1.96
CA ILE A 11 16.71 -4.54 2.43
C ILE A 11 15.64 -4.40 3.47
N THR A 12 15.86 -3.50 4.48
CA THR A 12 14.98 -2.95 5.41
C THR A 12 13.79 -2.18 4.91
N ASN A 13 14.05 -1.21 4.01
CA ASN A 13 13.07 -0.53 3.25
C ASN A 13 12.23 -1.24 2.23
N TRP A 14 12.73 -2.17 1.45
CA TRP A 14 11.96 -3.13 0.61
C TRP A 14 12.72 -3.49 -0.63
N LEU A 15 13.17 -4.75 -0.64
CA LEU A 15 13.59 -5.50 -1.81
C LEU A 15 12.80 -6.78 -1.91
N TRP A 16 12.80 -7.62 -0.89
CA TRP A 16 12.01 -8.84 -0.81
C TRP A 16 10.82 -8.64 0.11
N TYR A 17 9.61 -8.88 -0.41
CA TYR A 17 8.32 -8.73 0.31
C TYR A 17 7.92 -7.62 1.39
N ILE A 18 7.01 -6.64 0.97
CA ILE A 18 6.24 -5.81 1.88
C ILE A 18 7.05 -4.71 2.60
N LYS A 19 7.98 -5.07 3.50
CA LYS A 19 8.76 -4.24 4.46
C LYS A 19 8.06 -2.98 5.00
N LEU A 20 8.92 -1.98 5.06
CA LEU A 20 8.71 -0.67 5.48
C LEU A 20 8.07 0.21 4.38
N PHE A 21 8.11 -0.41 3.18
CA PHE A 21 7.31 0.09 2.06
C PHE A 21 5.84 0.05 2.28
N ILE A 22 5.36 -1.10 2.77
CA ILE A 22 4.03 -1.09 3.30
C ILE A 22 3.97 -0.85 4.74
N MET A 23 4.87 -1.37 5.60
CA MET A 23 4.71 -1.14 7.02
C MET A 23 4.88 0.28 7.55
N ILE A 24 5.90 1.16 7.05
CA ILE A 24 5.82 2.55 7.48
C ILE A 24 4.61 3.30 6.87
N VAL A 25 4.25 3.11 5.57
CA VAL A 25 3.17 3.94 5.03
C VAL A 25 1.77 3.51 5.50
N GLY A 26 1.65 2.24 5.75
CA GLY A 26 0.41 1.58 6.21
C GLY A 26 0.02 1.84 7.71
N GLY A 27 1.06 2.03 8.49
CA GLY A 27 0.81 2.40 9.91
C GLY A 27 0.40 3.81 9.96
N LEU A 28 1.01 4.62 9.13
CA LEU A 28 0.75 6.08 9.17
C LEU A 28 -0.72 6.41 8.92
N VAL A 29 -1.39 5.63 7.98
CA VAL A 29 -2.78 5.68 7.85
C VAL A 29 -3.66 5.23 9.05
N GLY A 30 -3.29 4.12 9.65
CA GLY A 30 -4.05 3.69 10.83
C GLY A 30 -3.78 4.57 12.08
N LEU A 31 -2.59 5.20 12.16
CA LEU A 31 -2.30 6.18 13.17
C LEU A 31 -3.14 7.43 13.14
N ARG A 32 -3.68 7.78 11.91
CA ARG A 32 -4.49 8.99 11.80
C ARG A 32 -5.82 8.82 12.55
N ILE A 33 -6.33 7.60 12.66
CA ILE A 33 -7.68 7.31 13.22
C ILE A 33 -7.77 7.60 14.73
N VAL A 34 -6.85 7.05 15.54
CA VAL A 34 -6.57 7.19 16.97
C VAL A 34 -6.15 8.60 17.38
N PHE A 35 -5.46 9.28 16.37
CA PHE A 35 -5.02 10.67 16.48
C PHE A 35 -6.33 11.53 16.44
N ALA A 36 -7.36 11.28 15.60
CA ALA A 36 -8.68 11.83 15.87
C ALA A 36 -9.28 11.54 17.21
N VAL A 37 -9.17 10.26 17.73
CA VAL A 37 -9.69 9.88 19.04
C VAL A 37 -9.14 10.68 20.21
N LEU A 38 -7.83 10.91 20.23
CA LEU A 38 -7.11 11.65 21.21
C LEU A 38 -6.87 13.14 20.87
N SER A 39 -7.42 13.65 19.74
CA SER A 39 -7.68 15.05 19.46
C SER A 39 -9.11 15.39 18.98
N LYS B 1 -11.78 -30.74 6.35
CA LYS B 1 -11.14 -30.29 7.62
C LYS B 1 -11.19 -28.80 7.71
N TRP B 2 -10.55 -28.07 6.81
CA TRP B 2 -10.66 -26.66 6.60
C TRP B 2 -10.25 -26.18 5.20
N ALA B 3 -9.98 -27.04 4.19
CA ALA B 3 -9.26 -26.66 2.96
C ALA B 3 -10.03 -25.68 2.16
N SER B 4 -11.28 -26.06 1.73
CA SER B 4 -12.14 -24.97 1.13
C SER B 4 -12.19 -23.56 1.75
N LEU B 5 -12.37 -23.39 3.08
CA LEU B 5 -12.48 -22.06 3.72
C LEU B 5 -11.15 -21.33 3.70
N TRP B 6 -10.06 -22.09 3.90
CA TRP B 6 -8.72 -21.65 3.78
C TRP B 6 -8.33 -21.28 2.42
N ASN B 7 -8.76 -22.05 1.31
CA ASN B 7 -8.41 -21.61 0.01
C ASN B 7 -9.18 -20.34 -0.34
N TRP B 8 -10.49 -20.30 0.10
CA TRP B 8 -11.37 -19.11 -0.05
C TRP B 8 -10.77 -17.86 0.53
N PHE B 9 -10.29 -18.05 1.73
CA PHE B 9 -9.70 -17.04 2.58
C PHE B 9 -8.40 -16.46 1.98
N ASN B 10 -7.50 -17.35 1.55
CA ASN B 10 -6.30 -16.94 0.81
C ASN B 10 -6.63 -16.14 -0.48
N ILE B 11 -7.65 -16.56 -1.21
CA ILE B 11 -8.08 -15.88 -2.40
C ILE B 11 -8.73 -14.48 -2.09
N THR B 12 -9.54 -14.40 -1.03
CA THR B 12 -10.00 -13.16 -0.53
C THR B 12 -8.89 -12.22 -0.10
N ASN B 13 -7.86 -12.68 0.63
CA ASN B 13 -6.77 -11.78 1.05
C ASN B 13 -5.92 -11.31 -0.03
N TRP B 14 -5.43 -12.25 -0.84
CA TRP B 14 -4.51 -12.12 -2.03
C TRP B 14 -3.89 -13.46 -2.36
N LEU B 15 -4.16 -14.03 -3.48
CA LEU B 15 -3.23 -14.92 -4.09
C LEU B 15 -2.94 -14.32 -5.44
N TRP B 16 -3.95 -13.57 -6.05
CA TRP B 16 -3.79 -12.89 -7.31
C TRP B 16 -4.70 -11.66 -7.34
N TYR B 17 -4.11 -10.71 -8.10
CA TYR B 17 -4.57 -9.39 -8.37
C TYR B 17 -5.11 -8.52 -7.25
N ILE B 18 -4.18 -7.80 -6.58
CA ILE B 18 -4.55 -6.51 -5.97
C ILE B 18 -5.01 -6.66 -4.51
N LYS B 19 -6.30 -7.21 -4.34
CA LYS B 19 -7.05 -7.63 -3.12
C LYS B 19 -6.84 -6.70 -1.95
N LEU B 20 -6.92 -7.24 -0.72
CA LEU B 20 -6.78 -6.51 0.55
C LEU B 20 -5.36 -6.16 0.88
N PHE B 21 -4.50 -6.81 0.10
CA PHE B 21 -3.09 -6.50 0.04
C PHE B 21 -2.88 -5.08 -0.46
N ILE B 22 -3.63 -4.62 -1.47
CA ILE B 22 -3.63 -3.24 -1.83
C ILE B 22 -4.71 -2.54 -1.06
N MET B 23 -5.93 -3.15 -0.99
CA MET B 23 -7.06 -2.49 -0.44
C MET B 23 -6.96 -2.13 1.06
N ILE B 24 -6.12 -2.83 1.90
CA ILE B 24 -5.70 -2.13 3.18
C ILE B 24 -5.03 -0.73 3.01
N VAL B 25 -4.03 -0.54 2.09
CA VAL B 25 -3.37 0.76 1.96
C VAL B 25 -4.18 1.80 1.25
N GLY B 26 -4.82 1.49 0.12
CA GLY B 26 -5.74 2.39 -0.65
C GLY B 26 -7.06 2.78 0.03
N GLY B 27 -7.73 1.81 0.67
CA GLY B 27 -8.95 2.08 1.40
C GLY B 27 -8.72 2.93 2.58
N LEU B 28 -7.65 2.72 3.35
CA LEU B 28 -7.37 3.58 4.48
C LEU B 28 -7.09 5.10 4.17
N VAL B 29 -6.45 5.32 3.01
CA VAL B 29 -6.27 6.61 2.44
C VAL B 29 -7.65 7.29 2.16
N GLY B 30 -8.53 6.48 1.54
CA GLY B 30 -9.84 6.88 0.98
C GLY B 30 -10.82 7.23 2.05
N LEU B 31 -10.63 6.49 3.22
CA LEU B 31 -11.33 6.77 4.46
C LEU B 31 -11.02 8.19 4.92
N ARG B 32 -9.74 8.68 4.83
CA ARG B 32 -9.46 9.99 5.50
C ARG B 32 -10.05 11.16 4.69
N ILE B 33 -10.33 11.00 3.39
CA ILE B 33 -10.88 12.10 2.60
C ILE B 33 -12.24 12.51 3.14
N VAL B 34 -13.14 11.53 3.41
CA VAL B 34 -14.49 11.70 3.89
C VAL B 34 -14.49 12.13 5.30
N PHE B 35 -13.42 11.66 6.07
CA PHE B 35 -13.14 12.05 7.46
C PHE B 35 -12.90 13.54 7.60
N ALA B 36 -12.18 14.15 6.63
CA ALA B 36 -12.00 15.62 6.47
C ALA B 36 -13.29 16.20 6.04
N VAL B 37 -14.08 15.57 5.13
CA VAL B 37 -15.36 16.18 4.74
C VAL B 37 -16.42 16.26 5.84
N LEU B 38 -16.55 15.26 6.72
CA LEU B 38 -17.38 15.25 7.93
C LEU B 38 -16.81 15.95 9.13
N SER B 39 -15.62 16.63 8.99
CA SER B 39 -15.01 17.46 10.02
C SER B 39 -14.63 18.84 9.40
N LYS C 1 -9.66 0.85 -30.61
CA LYS C 1 -10.01 -0.57 -30.09
C LYS C 1 -9.64 -0.84 -28.65
N TRP C 2 -10.29 -1.69 -27.81
CA TRP C 2 -10.12 -1.86 -26.35
C TRP C 2 -8.75 -2.36 -26.01
N ALA C 3 -8.07 -3.21 -26.87
CA ALA C 3 -6.72 -3.68 -26.57
C ALA C 3 -5.66 -2.54 -26.50
N SER C 4 -5.83 -1.51 -27.32
CA SER C 4 -5.02 -0.32 -27.25
C SER C 4 -5.45 0.57 -26.04
N LEU C 5 -6.74 0.74 -25.79
CA LEU C 5 -7.24 1.47 -24.66
C LEU C 5 -6.93 0.87 -23.24
N TRP C 6 -6.93 -0.43 -23.12
CA TRP C 6 -6.65 -1.17 -21.88
C TRP C 6 -5.14 -1.15 -21.69
N ASN C 7 -4.37 -1.08 -22.86
CA ASN C 7 -2.95 -0.70 -22.70
C ASN C 7 -2.80 0.75 -22.34
N TRP C 8 -3.66 1.70 -22.85
CA TRP C 8 -3.41 3.12 -22.55
C TRP C 8 -3.66 3.45 -21.07
N PHE C 9 -4.65 2.78 -20.46
CA PHE C 9 -4.91 2.90 -19.01
C PHE C 9 -3.71 2.46 -18.15
N ASN C 10 -3.14 1.27 -18.42
CA ASN C 10 -1.95 0.76 -17.80
C ASN C 10 -0.66 1.48 -17.93
N ILE C 11 -0.39 2.10 -19.11
CA ILE C 11 0.76 2.97 -19.28
C ILE C 11 0.65 4.27 -18.36
N THR C 12 -0.51 4.88 -18.35
CA THR C 12 -0.87 6.07 -17.59
C THR C 12 -0.86 5.72 -16.11
N ASN C 13 -1.42 4.57 -15.64
CA ASN C 13 -1.59 4.30 -14.25
C ASN C 13 -0.33 3.69 -13.59
N TRP C 14 0.29 2.67 -14.24
CA TRP C 14 1.32 1.80 -13.62
C TRP C 14 1.62 0.63 -14.50
N LEU C 15 2.62 0.77 -15.44
CA LEU C 15 3.02 -0.38 -16.17
C LEU C 15 4.01 -1.23 -15.37
N TRP C 16 4.85 -0.52 -14.53
CA TRP C 16 5.99 -1.09 -13.86
C TRP C 16 6.15 -0.22 -12.69
N TYR C 17 6.54 -0.84 -11.58
CA TYR C 17 6.56 -0.36 -10.20
C TYR C 17 6.22 1.13 -9.81
N ILE C 18 5.43 1.31 -8.68
CA ILE C 18 5.21 2.62 -8.12
C ILE C 18 4.12 3.33 -8.92
N LYS C 19 4.50 4.45 -9.63
CA LYS C 19 3.78 5.34 -10.47
C LYS C 19 2.63 5.98 -9.64
N LEU C 20 1.50 6.43 -10.24
CA LEU C 20 0.44 7.09 -9.57
C LEU C 20 -0.29 6.16 -8.64
N PHE C 21 -0.30 4.88 -8.99
CA PHE C 21 -0.90 3.78 -8.17
C PHE C 21 -0.30 3.78 -6.72
N ILE C 22 1.03 4.03 -6.56
CA ILE C 22 1.56 4.23 -5.27
C ILE C 22 1.68 5.78 -4.98
N MET C 23 2.09 6.62 -5.98
CA MET C 23 2.24 8.02 -5.68
C MET C 23 0.99 8.84 -5.27
N ILE C 24 -0.19 8.56 -5.85
CA ILE C 24 -1.50 9.09 -5.34
C ILE C 24 -1.78 8.70 -3.88
N VAL C 25 -1.51 7.50 -3.49
CA VAL C 25 -1.66 7.10 -2.08
C VAL C 25 -0.70 7.86 -1.11
N GLY C 26 0.62 7.84 -1.45
CA GLY C 26 1.64 8.31 -0.49
C GLY C 26 1.62 9.79 -0.29
N GLY C 27 1.33 10.55 -1.34
CA GLY C 27 0.87 11.93 -1.31
C GLY C 27 -0.29 12.23 -0.33
N LEU C 28 -1.46 11.51 -0.43
CA LEU C 28 -2.55 11.87 0.41
C LEU C 28 -2.38 11.64 1.90
N VAL C 29 -1.76 10.52 2.29
CA VAL C 29 -1.25 10.45 3.66
C VAL C 29 -0.30 11.49 4.09
N GLY C 30 0.73 11.87 3.27
CA GLY C 30 1.54 13.01 3.64
C GLY C 30 0.87 14.39 3.74
N LEU C 31 -0.19 14.68 2.90
CA LEU C 31 -1.05 15.84 3.11
C LEU C 31 -1.73 15.89 4.50
N ARG C 32 -2.29 14.79 5.02
CA ARG C 32 -3.01 14.78 6.28
C ARG C 32 -2.20 15.02 7.58
N ILE C 33 -0.97 14.48 7.63
CA ILE C 33 -0.05 14.64 8.75
C ILE C 33 0.30 16.09 8.99
N VAL C 34 0.56 16.92 7.96
CA VAL C 34 0.95 18.25 8.08
C VAL C 34 -0.30 19.12 8.34
N PHE C 35 -1.50 18.78 7.82
CA PHE C 35 -2.78 19.42 8.00
C PHE C 35 -3.16 19.45 9.47
N ALA C 36 -2.96 18.26 10.14
CA ALA C 36 -3.03 18.15 11.57
C ALA C 36 -2.06 18.98 12.37
N VAL C 37 -0.73 19.02 11.91
CA VAL C 37 0.31 19.75 12.57
C VAL C 37 0.08 21.29 12.55
N LEU C 38 -0.41 21.79 11.41
CA LEU C 38 -0.93 23.14 11.19
C LEU C 38 -2.30 23.49 11.74
N SER C 39 -3.16 22.49 11.98
CA SER C 39 -4.39 22.75 12.61
C SER C 39 -4.25 22.60 14.17
N LYS A 1 33.49 3.23 1.36
CA LYS A 1 32.53 2.12 1.07
C LYS A 1 31.75 1.61 2.31
N TRP A 2 30.62 0.88 1.96
CA TRP A 2 29.78 0.21 2.92
C TRP A 2 28.84 -0.74 2.22
N ALA A 3 29.44 -1.58 1.43
CA ALA A 3 28.70 -2.56 0.55
C ALA A 3 27.72 -3.54 1.19
N SER A 4 28.16 -4.28 2.24
CA SER A 4 27.31 -5.25 3.00
C SER A 4 26.18 -4.58 3.73
N LEU A 5 26.44 -3.48 4.46
CA LEU A 5 25.47 -2.70 5.18
C LEU A 5 24.32 -2.15 4.29
N TRP A 6 24.71 -1.58 3.12
CA TRP A 6 23.75 -0.92 2.26
C TRP A 6 22.96 -2.05 1.49
N ASN A 7 23.56 -3.29 1.20
CA ASN A 7 22.84 -4.41 0.73
C ASN A 7 21.87 -4.98 1.66
N TRP A 8 22.14 -5.05 2.97
CA TRP A 8 21.21 -5.60 3.93
C TRP A 8 20.08 -4.62 4.19
N PHE A 9 20.32 -3.27 4.09
CA PHE A 9 19.34 -2.27 4.15
C PHE A 9 18.36 -2.34 2.94
N ASN A 10 18.80 -2.57 1.66
CA ASN A 10 17.94 -2.82 0.52
C ASN A 10 17.16 -4.12 0.63
N ILE A 11 17.75 -5.26 1.09
CA ILE A 11 17.03 -6.50 1.32
C ILE A 11 15.90 -6.34 2.38
N THR A 12 16.25 -5.64 3.50
CA THR A 12 15.28 -5.09 4.52
C THR A 12 14.17 -4.22 3.98
N ASN A 13 14.53 -3.21 3.14
CA ASN A 13 13.66 -2.31 2.46
C ASN A 13 12.69 -2.99 1.52
N TRP A 14 13.20 -3.96 0.72
CA TRP A 14 12.44 -4.84 -0.16
C TRP A 14 13.37 -5.33 -1.20
N LEU A 15 13.70 -6.60 -1.29
CA LEU A 15 14.19 -7.25 -2.51
C LEU A 15 13.11 -8.31 -2.89
N TRP A 16 12.63 -9.11 -1.94
CA TRP A 16 11.65 -10.22 -1.95
C TRP A 16 10.47 -9.67 -1.15
N TYR A 17 9.26 -9.69 -1.80
CA TYR A 17 7.91 -9.37 -1.34
C TYR A 17 7.64 -8.49 -0.10
N ILE A 18 6.99 -7.35 -0.40
CA ILE A 18 6.14 -6.64 0.61
C ILE A 18 6.99 -5.59 1.43
N LYS A 19 7.70 -6.09 2.49
CA LYS A 19 8.69 -5.32 3.25
C LYS A 19 8.30 -3.94 3.72
N LEU A 20 9.21 -2.98 3.74
CA LEU A 20 9.10 -1.61 4.21
C LEU A 20 8.45 -0.75 3.12
N PHE A 21 8.53 -1.28 1.89
CA PHE A 21 7.83 -0.80 0.71
C PHE A 21 6.37 -0.82 0.96
N ILE A 22 5.82 -1.87 1.57
CA ILE A 22 4.46 -1.73 1.92
C ILE A 22 4.42 -1.33 3.38
N MET A 23 5.33 -1.85 4.30
CA MET A 23 5.17 -1.56 5.75
C MET A 23 5.27 -0.08 6.20
N ILE A 24 6.17 0.73 5.56
CA ILE A 24 6.20 2.17 5.82
C ILE A 24 4.87 2.83 5.42
N VAL A 25 4.31 2.49 4.26
CA VAL A 25 3.10 3.12 3.69
C VAL A 25 1.96 2.89 4.70
N GLY A 26 1.85 1.62 5.10
CA GLY A 26 0.74 1.03 5.85
C GLY A 26 0.63 1.46 7.26
N GLY A 27 1.76 1.61 8.03
CA GLY A 27 1.80 2.26 9.29
C GLY A 27 1.47 3.69 9.33
N LEU A 28 1.95 4.50 8.35
CA LEU A 28 1.57 5.87 8.20
C LEU A 28 0.10 6.15 8.11
N VAL A 29 -0.64 5.33 7.41
CA VAL A 29 -2.08 5.36 7.33
C VAL A 29 -2.81 4.89 8.59
N GLY A 30 -2.32 3.80 9.21
CA GLY A 30 -2.90 3.42 10.47
C GLY A 30 -2.67 4.30 11.57
N LEU A 31 -1.50 5.09 11.57
CA LEU A 31 -1.26 6.06 12.53
C LEU A 31 -2.35 7.13 12.47
N ARG A 32 -2.74 7.56 11.27
CA ARG A 32 -3.62 8.76 11.17
C ARG A 32 -5.04 8.52 11.78
N ILE A 33 -5.60 7.33 11.55
CA ILE A 33 -6.90 6.94 12.05
C ILE A 33 -7.06 7.22 13.57
N VAL A 34 -6.04 6.69 14.35
CA VAL A 34 -6.02 6.69 15.80
C VAL A 34 -5.49 8.02 16.42
N PHE A 35 -4.72 8.80 15.56
CA PHE A 35 -4.20 10.11 15.73
C PHE A 35 -5.39 11.01 15.80
N ALA A 36 -6.30 10.82 14.87
CA ALA A 36 -7.60 11.57 15.00
C ALA A 36 -8.46 11.18 16.24
N VAL A 37 -8.48 9.93 16.63
CA VAL A 37 -9.17 9.45 17.81
C VAL A 37 -8.58 10.05 19.11
N LEU A 38 -7.28 10.09 19.23
CA LEU A 38 -6.67 10.59 20.36
C LEU A 38 -6.49 12.11 20.35
N SER A 39 -6.12 12.68 19.19
CA SER A 39 -6.14 14.14 19.04
C SER A 39 -7.54 14.66 18.66
N LYS B 1 -9.99 -31.86 5.85
CA LYS B 1 -9.80 -31.36 7.22
C LYS B 1 -10.18 -29.94 7.32
N TRP B 2 -9.45 -29.12 6.54
CA TRP B 2 -9.65 -27.71 6.55
C TRP B 2 -9.05 -26.91 5.41
N ALA B 3 -8.46 -27.62 4.51
CA ALA B 3 -7.73 -27.01 3.41
C ALA B 3 -8.57 -26.13 2.53
N SER B 4 -9.78 -26.61 2.15
CA SER B 4 -10.57 -25.74 1.27
C SER B 4 -11.02 -24.36 1.85
N LEU B 5 -11.49 -24.31 3.08
CA LEU B 5 -11.84 -23.05 3.71
C LEU B 5 -10.52 -22.17 3.88
N TRP B 6 -9.39 -22.72 4.36
CA TRP B 6 -8.05 -22.08 4.50
C TRP B 6 -7.47 -21.49 3.24
N ASN B 7 -7.63 -22.25 2.13
CA ASN B 7 -7.41 -21.81 0.77
C ASN B 7 -8.35 -20.63 0.26
N TRP B 8 -9.68 -20.72 0.52
CA TRP B 8 -10.63 -19.65 0.30
C TRP B 8 -10.29 -18.37 1.01
N PHE B 9 -9.93 -18.48 2.34
CA PHE B 9 -9.33 -17.31 3.06
C PHE B 9 -8.01 -16.68 2.59
N ASN B 10 -7.02 -17.51 2.20
CA ASN B 10 -5.77 -17.01 1.52
C ASN B 10 -6.10 -16.33 0.13
N ILE B 11 -7.02 -16.98 -0.68
CA ILE B 11 -7.67 -16.50 -1.90
C ILE B 11 -8.48 -15.14 -1.74
N THR B 12 -9.29 -14.95 -0.69
CA THR B 12 -9.94 -13.65 -0.24
C THR B 12 -8.86 -12.59 0.18
N ASN B 13 -7.86 -12.97 1.03
CA ASN B 13 -6.79 -12.12 1.59
C ASN B 13 -5.90 -11.54 0.49
N TRP B 14 -5.41 -12.45 -0.50
CA TRP B 14 -4.44 -12.21 -1.58
C TRP B 14 -3.46 -13.37 -1.79
N LEU B 15 -3.57 -14.05 -2.92
CA LEU B 15 -2.44 -14.77 -3.46
C LEU B 15 -2.39 -14.33 -4.97
N TRP B 16 -3.54 -13.93 -5.56
CA TRP B 16 -3.67 -13.50 -6.93
C TRP B 16 -4.51 -12.19 -7.01
N TYR B 17 -3.68 -11.19 -7.42
CA TYR B 17 -4.10 -9.86 -7.93
C TYR B 17 -4.75 -8.93 -6.96
N ILE B 18 -4.04 -7.96 -6.35
CA ILE B 18 -4.77 -6.88 -5.67
C ILE B 18 -5.32 -7.23 -4.25
N LYS B 19 -6.53 -7.74 -4.12
CA LYS B 19 -7.25 -8.13 -2.96
C LYS B 19 -7.15 -7.24 -1.78
N LEU B 20 -7.09 -7.69 -0.56
CA LEU B 20 -7.13 -6.85 0.68
C LEU B 20 -5.73 -6.44 1.01
N PHE B 21 -4.71 -7.15 0.40
CA PHE B 21 -3.37 -6.77 0.43
C PHE B 21 -3.14 -5.34 -0.12
N ILE B 22 -3.78 -5.08 -1.25
CA ILE B 22 -3.87 -3.73 -1.83
C ILE B 22 -5.11 -2.99 -1.29
N MET B 23 -6.22 -3.67 -1.06
CA MET B 23 -7.43 -2.86 -0.74
C MET B 23 -7.31 -2.27 0.65
N ILE B 24 -6.54 -2.85 1.59
CA ILE B 24 -6.47 -2.29 2.91
C ILE B 24 -5.63 -0.99 2.89
N VAL B 25 -4.62 -1.00 2.04
CA VAL B 25 -3.84 0.16 1.90
C VAL B 25 -4.49 1.34 1.16
N GLY B 26 -5.17 1.02 0.03
CA GLY B 26 -5.82 1.99 -0.85
C GLY B 26 -7.11 2.59 -0.47
N GLY B 27 -7.98 1.68 0.06
CA GLY B 27 -9.17 2.11 0.78
C GLY B 27 -8.96 3.01 1.98
N LEU B 28 -8.06 2.61 2.90
CA LEU B 28 -7.84 3.38 4.12
C LEU B 28 -7.29 4.80 3.87
N VAL B 29 -6.40 5.09 2.92
CA VAL B 29 -6.02 6.41 2.46
C VAL B 29 -7.17 7.18 1.87
N GLY B 30 -7.96 6.57 0.89
CA GLY B 30 -9.16 7.16 0.34
C GLY B 30 -10.16 7.59 1.32
N LEU B 31 -10.26 6.78 2.41
CA LEU B 31 -11.15 7.08 3.54
C LEU B 31 -10.82 8.29 4.37
N ARG B 32 -9.53 8.70 4.49
CA ARG B 32 -9.13 10.01 5.19
C ARG B 32 -9.56 11.22 4.38
N ILE B 33 -9.81 11.16 3.05
CA ILE B 33 -10.23 12.35 2.20
C ILE B 33 -11.51 12.91 2.60
N VAL B 34 -12.53 12.14 2.71
CA VAL B 34 -13.89 12.46 3.13
C VAL B 34 -13.95 12.70 4.62
N PHE B 35 -13.04 12.03 5.35
CA PHE B 35 -12.94 12.31 6.79
C PHE B 35 -12.55 13.81 6.98
N ALA B 36 -11.70 14.43 6.15
CA ALA B 36 -11.42 15.86 6.10
C ALA B 36 -12.58 16.65 5.59
N VAL B 37 -13.39 16.04 4.70
CA VAL B 37 -14.68 16.72 4.33
C VAL B 37 -15.64 16.86 5.44
N LEU B 38 -15.85 15.88 6.34
CA LEU B 38 -16.74 15.85 7.47
C LEU B 38 -16.13 16.36 8.74
N SER B 39 -14.84 16.80 8.76
CA SER B 39 -14.21 17.66 9.78
C SER B 39 -14.27 19.08 9.24
N LYS C 1 -8.99 -1.49 -29.80
CA LYS C 1 -9.76 -2.62 -29.21
C LYS C 1 -9.36 -3.04 -27.78
N TRP C 2 -10.10 -4.03 -27.13
CA TRP C 2 -9.81 -4.20 -25.67
C TRP C 2 -8.35 -4.42 -25.19
N ALA C 3 -7.50 -5.20 -25.93
CA ALA C 3 -6.24 -5.55 -25.38
C ALA C 3 -5.27 -4.46 -25.36
N SER C 4 -5.19 -3.67 -26.49
CA SER C 4 -4.54 -2.38 -26.54
C SER C 4 -5.06 -1.35 -25.58
N LEU C 5 -6.38 -1.21 -25.36
CA LEU C 5 -6.99 -0.31 -24.36
C LEU C 5 -6.67 -0.64 -22.92
N TRP C 6 -6.63 -1.95 -22.56
CA TRP C 6 -6.09 -2.42 -21.26
C TRP C 6 -4.63 -2.25 -20.99
N ASN C 7 -3.86 -2.45 -22.02
CA ASN C 7 -2.46 -2.10 -22.13
C ASN C 7 -2.18 -0.65 -21.83
N TRP C 8 -2.90 0.26 -22.50
CA TRP C 8 -2.83 1.67 -22.17
C TRP C 8 -2.97 2.16 -20.71
N PHE C 9 -3.93 1.50 -20.01
CA PHE C 9 -4.11 1.61 -18.59
C PHE C 9 -2.92 1.08 -17.86
N ASN C 10 -2.41 -0.15 -18.22
CA ASN C 10 -1.23 -0.64 -17.63
C ASN C 10 0.02 0.18 -17.91
N ILE C 11 0.21 0.69 -19.16
CA ILE C 11 1.32 1.55 -19.53
C ILE C 11 1.26 2.77 -18.78
N THR C 12 0.09 3.38 -18.62
CA THR C 12 0.07 4.60 -17.82
C THR C 12 0.31 4.43 -16.38
N ASN C 13 -0.41 3.47 -15.81
CA ASN C 13 -0.55 3.40 -14.39
C ASN C 13 0.73 2.83 -13.72
N TRP C 14 1.31 1.79 -14.32
CA TRP C 14 2.20 0.92 -13.54
C TRP C 14 2.47 -0.32 -14.36
N LEU C 15 3.44 -0.20 -15.32
CA LEU C 15 3.75 -1.27 -16.19
C LEU C 15 4.81 -2.24 -15.52
N TRP C 16 5.62 -1.69 -14.61
CA TRP C 16 6.80 -2.27 -13.90
C TRP C 16 7.00 -1.33 -12.79
N TYR C 17 7.73 -1.79 -11.73
CA TYR C 17 7.74 -1.46 -10.31
C TYR C 17 7.11 -0.10 -9.88
N ILE C 18 6.34 -0.17 -8.80
CA ILE C 18 5.74 0.86 -7.92
C ILE C 18 4.70 1.73 -8.61
N LYS C 19 5.22 2.76 -9.34
CA LYS C 19 4.63 3.89 -10.07
C LYS C 19 3.59 4.66 -9.20
N LEU C 20 2.80 5.50 -9.88
CA LEU C 20 1.61 6.22 -9.46
C LEU C 20 0.54 5.31 -8.75
N PHE C 21 0.50 4.05 -9.00
CA PHE C 21 -0.24 2.95 -8.24
C PHE C 21 0.15 2.88 -6.77
N ILE C 22 1.45 3.21 -6.50
CA ILE C 22 1.77 3.58 -5.13
C ILE C 22 1.91 5.10 -4.89
N MET C 23 2.54 5.83 -5.91
CA MET C 23 2.98 7.18 -5.66
C MET C 23 1.78 8.10 -5.55
N ILE C 24 0.61 7.81 -6.19
CA ILE C 24 -0.63 8.52 -5.85
C ILE C 24 -1.17 8.36 -4.39
N VAL C 25 -1.24 7.16 -3.88
CA VAL C 25 -1.69 6.82 -2.54
C VAL C 25 -0.85 7.32 -1.41
N GLY C 26 0.47 7.30 -1.54
CA GLY C 26 1.57 7.80 -0.77
C GLY C 26 1.53 9.25 -0.57
N GLY C 27 1.25 10.05 -1.62
CA GLY C 27 1.16 11.50 -1.53
C GLY C 27 0.09 11.98 -0.73
N LEU C 28 -1.10 11.29 -0.81
CA LEU C 28 -2.24 11.66 -0.09
C LEU C 28 -2.04 11.56 1.45
N VAL C 29 -1.26 10.58 1.86
CA VAL C 29 -0.81 10.41 3.24
C VAL C 29 0.08 11.58 3.73
N GLY C 30 1.12 11.90 2.90
CA GLY C 30 1.97 13.11 3.12
C GLY C 30 1.16 14.43 3.30
N LEU C 31 0.05 14.58 2.56
CA LEU C 31 -0.89 15.62 2.76
C LEU C 31 -1.47 15.72 4.25
N ARG C 32 -1.96 14.59 4.92
CA ARG C 32 -2.64 14.68 6.16
C ARG C 32 -1.64 14.94 7.33
N ILE C 33 -0.33 14.61 7.26
CA ILE C 33 0.65 14.69 8.29
C ILE C 33 0.76 16.19 8.61
N VAL C 34 0.85 17.03 7.55
CA VAL C 34 1.11 18.50 7.58
C VAL C 34 -0.15 19.25 8.07
N PHE C 35 -1.31 18.58 7.80
CA PHE C 35 -2.62 18.94 8.21
C PHE C 35 -2.79 18.91 9.75
N ALA C 36 -2.31 17.92 10.46
CA ALA C 36 -2.03 17.84 11.87
C ALA C 36 -0.95 18.81 12.35
N VAL C 37 0.10 18.98 11.60
CA VAL C 37 1.08 19.96 12.07
C VAL C 37 0.55 21.38 12.12
N LEU C 38 -0.26 21.81 11.15
CA LEU C 38 -0.93 23.09 11.21
C LEU C 38 -2.33 23.15 11.83
N SER C 39 -2.61 22.04 12.58
CA SER C 39 -3.83 22.00 13.47
C SER C 39 -3.55 21.41 14.88
N LYS A 1 33.33 5.28 3.79
CA LYS A 1 33.01 3.82 3.57
C LYS A 1 32.17 3.05 4.55
N TRP A 2 31.28 2.17 4.07
CA TRP A 2 30.20 1.59 4.90
C TRP A 2 29.32 0.55 4.19
N ALA A 3 29.87 -0.30 3.32
CA ALA A 3 29.15 -1.18 2.43
C ALA A 3 28.18 -2.19 3.14
N SER A 4 28.67 -2.90 4.28
CA SER A 4 27.84 -3.94 4.97
C SER A 4 26.65 -3.30 5.66
N LEU A 5 26.87 -2.11 6.31
CA LEU A 5 25.93 -1.28 7.06
C LEU A 5 24.92 -0.75 6.05
N TRP A 6 25.28 -0.36 4.84
CA TRP A 6 24.47 0.12 3.70
C TRP A 6 23.58 -1.02 3.16
N ASN A 7 24.04 -2.29 3.14
CA ASN A 7 23.37 -3.46 2.69
C ASN A 7 22.37 -3.82 3.65
N TRP A 8 22.58 -3.70 4.99
CA TRP A 8 21.70 -4.14 5.99
C TRP A 8 20.55 -3.22 6.13
N PHE A 9 20.77 -1.92 6.00
CA PHE A 9 19.73 -0.86 5.82
C PHE A 9 18.86 -1.15 4.61
N ASN A 10 19.41 -1.44 3.41
CA ASN A 10 18.65 -1.83 2.25
C ASN A 10 17.76 -3.10 2.35
N ILE A 11 18.27 -4.18 2.98
CA ILE A 11 17.58 -5.33 3.45
C ILE A 11 16.44 -5.03 4.43
N THR A 12 16.54 -4.08 5.39
CA THR A 12 15.42 -3.63 6.28
C THR A 12 14.37 -2.81 5.67
N ASN A 13 14.71 -1.82 4.89
CA ASN A 13 13.78 -0.96 4.19
C ASN A 13 12.95 -1.73 3.14
N TRP A 14 13.49 -2.58 2.32
CA TRP A 14 12.93 -3.36 1.26
C TRP A 14 13.97 -3.57 0.13
N LEU A 15 14.79 -4.60 0.23
CA LEU A 15 15.41 -5.21 -0.92
C LEU A 15 14.49 -6.31 -1.45
N TRP A 16 14.13 -7.22 -0.55
CA TRP A 16 13.22 -8.37 -0.84
C TRP A 16 11.85 -8.28 -0.18
N TYR A 17 10.75 -8.40 -0.96
CA TYR A 17 9.34 -8.39 -0.55
C TYR A 17 8.74 -7.83 0.80
N ILE A 18 7.90 -6.75 0.68
CA ILE A 18 7.08 -6.17 1.70
C ILE A 18 7.78 -5.09 2.55
N LYS A 19 8.42 -5.54 3.73
CA LYS A 19 9.14 -4.74 4.71
C LYS A 19 8.46 -3.41 4.98
N LEU A 20 9.24 -2.42 5.41
CA LEU A 20 8.96 -1.02 5.63
C LEU A 20 8.33 -0.30 4.41
N PHE A 21 8.59 -0.79 3.19
CA PHE A 21 7.95 -0.37 2.00
C PHE A 21 6.40 -0.45 2.02
N ILE A 22 5.86 -1.59 2.62
CA ILE A 22 4.42 -1.65 3.06
C ILE A 22 4.26 -1.27 4.47
N MET A 23 5.17 -1.70 5.36
CA MET A 23 4.93 -1.51 6.80
C MET A 23 4.98 -0.12 7.26
N ILE A 24 5.83 0.79 6.64
CA ILE A 24 5.74 2.27 6.92
C ILE A 24 4.41 2.91 6.46
N VAL A 25 3.93 2.49 5.25
CA VAL A 25 2.58 2.94 4.78
C VAL A 25 1.38 2.44 5.58
N GLY A 26 1.24 1.15 5.97
CA GLY A 26 0.15 0.59 6.80
C GLY A 26 -0.03 1.16 8.19
N GLY A 27 1.20 1.40 8.91
CA GLY A 27 1.19 2.07 10.17
C GLY A 27 0.77 3.49 10.25
N LEU A 28 1.31 4.30 9.33
CA LEU A 28 0.96 5.69 9.20
C LEU A 28 -0.50 5.93 8.89
N VAL A 29 -1.10 5.04 8.10
CA VAL A 29 -2.46 5.13 7.69
C VAL A 29 -3.34 4.85 8.89
N GLY A 30 -2.97 3.81 9.72
CA GLY A 30 -3.60 3.43 11.00
C GLY A 30 -3.50 4.54 11.99
N LEU A 31 -2.32 5.24 12.10
CA LEU A 31 -2.10 6.34 13.03
C LEU A 31 -3.10 7.44 12.77
N ARG A 32 -3.42 7.83 11.49
CA ARG A 32 -4.24 8.97 11.29
C ARG A 32 -5.70 8.78 11.78
N ILE A 33 -6.21 7.54 11.78
CA ILE A 33 -7.57 7.27 12.26
C ILE A 33 -7.82 7.76 13.63
N VAL A 34 -6.93 7.22 14.55
CA VAL A 34 -7.17 7.42 15.93
C VAL A 34 -6.52 8.71 16.47
N PHE A 35 -5.75 9.24 15.57
CA PHE A 35 -5.25 10.58 15.67
C PHE A 35 -6.46 11.51 15.56
N ALA A 36 -7.51 11.21 14.71
CA ALA A 36 -8.73 12.02 14.74
C ALA A 36 -9.52 11.78 15.93
N VAL A 37 -9.53 10.52 16.47
CA VAL A 37 -10.38 10.24 17.64
C VAL A 37 -9.81 11.04 18.84
N LEU A 38 -8.51 11.10 19.04
CA LEU A 38 -7.90 11.74 20.15
C LEU A 38 -7.67 13.16 19.96
N SER A 39 -7.49 13.63 18.73
CA SER A 39 -7.27 15.06 18.44
C SER A 39 -8.53 15.57 17.64
N LYS B 1 -7.76 -32.54 7.41
CA LYS B 1 -7.26 -31.51 8.39
C LYS B 1 -7.75 -30.13 8.16
N TRP B 2 -7.05 -29.19 7.42
CA TRP B 2 -7.64 -27.86 7.35
C TRP B 2 -7.04 -27.05 6.12
N ALA B 3 -6.24 -27.74 5.27
CA ALA B 3 -5.58 -27.12 4.14
C ALA B 3 -6.56 -26.49 3.18
N SER B 4 -7.69 -27.03 2.85
CA SER B 4 -8.48 -26.44 1.80
C SER B 4 -9.20 -25.11 2.28
N LEU B 5 -9.60 -25.03 3.55
CA LEU B 5 -9.98 -23.75 4.18
C LEU B 5 -8.82 -22.76 4.25
N TRP B 6 -7.68 -23.15 4.76
CA TRP B 6 -6.55 -22.34 4.88
C TRP B 6 -6.03 -21.89 3.50
N ASN B 7 -6.17 -22.73 2.46
CA ASN B 7 -5.81 -22.36 1.12
C ASN B 7 -6.60 -21.23 0.56
N TRP B 8 -7.91 -21.25 0.63
CA TRP B 8 -8.85 -20.19 0.28
C TRP B 8 -8.54 -18.94 1.08
N PHE B 9 -8.18 -19.09 2.40
CA PHE B 9 -7.74 -18.02 3.28
C PHE B 9 -6.40 -17.43 2.75
N ASN B 10 -5.40 -18.24 2.34
CA ASN B 10 -4.17 -17.75 1.86
C ASN B 10 -4.26 -17.02 0.48
N ILE B 11 -5.13 -17.50 -0.40
CA ILE B 11 -5.56 -16.96 -1.73
C ILE B 11 -6.34 -15.63 -1.46
N THR B 12 -7.16 -15.60 -0.36
CA THR B 12 -7.88 -14.35 0.03
C THR B 12 -6.96 -13.22 0.45
N ASN B 13 -5.98 -13.54 1.33
CA ASN B 13 -5.06 -12.49 1.79
C ASN B 13 -4.20 -11.83 0.73
N TRP B 14 -3.60 -12.71 -0.11
CA TRP B 14 -2.68 -12.45 -1.23
C TRP B 14 -1.83 -13.66 -1.44
N LEU B 15 -2.01 -14.39 -2.59
CA LEU B 15 -1.05 -15.32 -3.15
C LEU B 15 -0.53 -14.68 -4.42
N TRP B 16 -1.36 -14.02 -5.19
CA TRP B 16 -0.98 -13.40 -6.47
C TRP B 16 -2.00 -12.25 -6.75
N TYR B 17 -1.61 -11.11 -7.35
CA TYR B 17 -2.35 -10.01 -7.87
C TYR B 17 -3.11 -9.12 -6.83
N ILE B 18 -2.49 -8.16 -6.14
CA ILE B 18 -3.12 -7.13 -5.47
C ILE B 18 -3.70 -7.53 -4.07
N LYS B 19 -4.87 -8.17 -4.07
CA LYS B 19 -5.72 -8.74 -2.92
C LYS B 19 -5.82 -7.78 -1.75
N LEU B 20 -5.81 -8.32 -0.48
CA LEU B 20 -6.01 -7.72 0.86
C LEU B 20 -4.73 -7.03 1.35
N PHE B 21 -3.56 -7.46 0.85
CA PHE B 21 -2.24 -6.89 0.95
C PHE B 21 -2.27 -5.47 0.40
N ILE B 22 -2.97 -5.28 -0.73
CA ILE B 22 -3.22 -3.95 -1.23
C ILE B 22 -4.60 -3.42 -0.87
N MET B 23 -5.67 -4.26 -0.86
CA MET B 23 -7.03 -3.77 -0.64
C MET B 23 -7.26 -3.36 0.81
N ILE B 24 -6.47 -3.92 1.85
CA ILE B 24 -6.65 -3.37 3.18
C ILE B 24 -6.09 -2.02 3.30
N VAL B 25 -4.82 -1.77 2.80
CA VAL B 25 -4.16 -0.43 2.79
C VAL B 25 -4.85 0.66 1.93
N GLY B 26 -5.23 0.31 0.60
CA GLY B 26 -5.77 1.25 -0.35
C GLY B 26 -7.10 1.82 0.08
N GLY B 27 -7.91 0.89 0.65
CA GLY B 27 -9.20 1.33 1.13
C GLY B 27 -9.21 2.27 2.27
N LEU B 28 -8.32 1.99 3.25
CA LEU B 28 -8.22 2.79 4.38
C LEU B 28 -7.70 4.23 4.13
N VAL B 29 -6.76 4.43 3.19
CA VAL B 29 -6.53 5.71 2.61
C VAL B 29 -7.66 6.42 1.90
N GLY B 30 -8.50 5.68 1.08
CA GLY B 30 -9.74 6.20 0.53
C GLY B 30 -10.75 6.66 1.54
N LEU B 31 -10.76 6.00 2.69
CA LEU B 31 -11.59 6.36 3.81
C LEU B 31 -11.21 7.76 4.44
N ARG B 32 -9.89 8.17 4.50
CA ARG B 32 -9.60 9.43 5.20
C ARG B 32 -9.99 10.65 4.44
N ILE B 33 -10.11 10.49 3.06
CA ILE B 33 -10.52 11.44 2.11
C ILE B 33 -11.93 12.11 2.40
N VAL B 34 -12.87 11.23 2.70
CA VAL B 34 -14.24 11.54 2.91
C VAL B 34 -14.53 11.79 4.38
N PHE B 35 -13.58 11.40 5.28
CA PHE B 35 -13.56 11.74 6.68
C PHE B 35 -13.26 13.22 6.91
N ALA B 36 -12.41 13.77 5.98
CA ALA B 36 -12.34 15.20 5.71
C ALA B 36 -13.65 15.84 5.24
N VAL B 37 -14.36 15.13 4.37
CA VAL B 37 -15.59 15.76 3.78
C VAL B 37 -16.71 15.89 4.85
N LEU B 38 -16.79 14.85 5.74
CA LEU B 38 -17.75 14.94 6.87
C LEU B 38 -17.27 15.78 8.07
N SER B 39 -15.89 16.06 8.24
CA SER B 39 -15.33 16.97 9.28
C SER B 39 -14.93 18.30 8.68
N LYS C 1 -8.85 -1.11 -29.55
CA LYS C 1 -9.39 -2.33 -28.91
C LYS C 1 -8.84 -2.57 -27.54
N TRP C 2 -9.33 -3.67 -26.83
CA TRP C 2 -8.97 -3.89 -25.39
C TRP C 2 -7.54 -4.07 -24.93
N ALA C 3 -6.76 -4.82 -25.68
CA ALA C 3 -5.39 -5.14 -25.25
C ALA C 3 -4.54 -3.94 -25.20
N SER C 4 -4.66 -3.07 -26.25
CA SER C 4 -3.99 -1.80 -26.25
C SER C 4 -4.25 -0.90 -25.03
N LEU C 5 -5.47 -0.65 -24.52
CA LEU C 5 -5.84 0.10 -23.37
C LEU C 5 -5.24 -0.53 -22.05
N TRP C 6 -5.26 -1.88 -21.90
CA TRP C 6 -4.77 -2.64 -20.87
C TRP C 6 -3.24 -2.48 -20.68
N ASN C 7 -2.50 -2.62 -21.75
CA ASN C 7 -1.11 -2.27 -21.93
C ASN C 7 -0.76 -0.86 -21.69
N TRP C 8 -1.70 -0.02 -22.15
CA TRP C 8 -1.57 1.36 -21.95
C TRP C 8 -1.61 1.72 -20.47
N PHE C 9 -2.55 1.15 -19.79
CA PHE C 9 -2.69 1.23 -18.39
C PHE C 9 -1.50 0.70 -17.53
N ASN C 10 -0.96 -0.46 -17.90
CA ASN C 10 0.33 -0.98 -17.36
C ASN C 10 1.47 0.02 -17.66
N ILE C 11 1.65 0.70 -18.91
CA ILE C 11 2.68 1.66 -19.17
C ILE C 11 2.57 2.87 -18.29
N THR C 12 1.27 3.36 -18.13
CA THR C 12 0.86 4.63 -17.49
C THR C 12 0.96 4.61 -16.00
N ASN C 13 0.25 3.67 -15.37
CA ASN C 13 0.24 3.47 -13.86
C ASN C 13 1.60 3.09 -13.16
N TRP C 14 2.21 2.03 -13.71
CA TRP C 14 3.24 1.32 -12.96
C TRP C 14 3.85 0.17 -13.80
N LEU C 15 4.79 0.51 -14.71
CA LEU C 15 5.36 -0.43 -15.59
C LEU C 15 6.61 -1.11 -15.03
N TRP C 16 7.30 -0.41 -14.06
CA TRP C 16 8.35 -0.99 -13.25
C TRP C 16 8.30 -0.33 -11.90
N TYR C 17 9.10 -0.76 -10.95
CA TYR C 17 9.08 -0.39 -9.56
C TYR C 17 8.46 0.90 -9.08
N ILE C 18 7.52 0.76 -8.12
CA ILE C 18 6.81 1.74 -7.22
C ILE C 18 5.78 2.57 -7.89
N LYS C 19 6.16 3.71 -8.51
CA LYS C 19 5.36 4.70 -9.29
C LYS C 19 4.15 5.23 -8.51
N LEU C 20 3.20 5.91 -9.14
CA LEU C 20 1.83 6.26 -8.94
C LEU C 20 0.88 5.30 -8.26
N PHE C 21 1.08 3.98 -8.52
CA PHE C 21 0.55 2.82 -7.82
C PHE C 21 0.90 2.98 -6.33
N ILE C 22 2.18 3.32 -5.90
CA ILE C 22 2.42 3.55 -4.46
C ILE C 22 2.36 5.04 -4.19
N MET C 23 2.79 5.84 -5.23
CA MET C 23 2.75 7.29 -5.03
C MET C 23 1.34 7.89 -4.77
N ILE C 24 0.28 7.46 -5.46
CA ILE C 24 -1.01 8.01 -5.23
C ILE C 24 -1.49 7.71 -3.82
N VAL C 25 -1.38 6.43 -3.36
CA VAL C 25 -1.76 6.07 -2.02
C VAL C 25 -0.98 6.72 -0.83
N GLY C 26 0.37 6.65 -0.97
CA GLY C 26 1.39 7.22 -0.02
C GLY C 26 1.38 8.70 0.13
N GLY C 27 1.13 9.41 -0.98
CA GLY C 27 1.12 10.88 -1.03
C GLY C 27 -0.12 11.49 -0.44
N LEU C 28 -1.34 10.93 -0.75
CA LEU C 28 -2.58 11.27 -0.11
C LEU C 28 -2.50 11.08 1.40
N VAL C 29 -1.96 10.03 1.95
CA VAL C 29 -1.89 9.90 3.44
C VAL C 29 -0.87 10.91 4.11
N GLY C 30 0.28 11.08 3.43
CA GLY C 30 1.28 12.04 3.86
C GLY C 30 0.82 13.48 3.76
N LEU C 31 -0.14 13.72 2.89
CA LEU C 31 -0.85 14.99 2.80
C LEU C 31 -1.67 15.34 4.06
N ARG C 32 -2.34 14.36 4.62
CA ARG C 32 -3.18 14.58 5.80
C ARG C 32 -2.44 15.00 7.03
N ILE C 33 -1.22 14.51 7.23
CA ILE C 33 -0.37 14.84 8.40
C ILE C 33 -0.12 16.33 8.60
N VAL C 34 0.40 16.95 7.51
CA VAL C 34 0.60 18.32 7.37
C VAL C 34 -0.60 19.13 7.50
N PHE C 35 -1.74 18.71 6.85
CA PHE C 35 -3.07 19.27 7.01
C PHE C 35 -3.51 19.43 8.48
N ALA C 36 -3.31 18.44 9.34
CA ALA C 36 -3.52 18.51 10.80
C ALA C 36 -2.57 19.51 11.42
N VAL C 37 -1.28 19.38 10.99
CA VAL C 37 -0.13 20.24 11.48
C VAL C 37 -0.39 21.74 11.27
N LEU C 38 -0.83 22.07 10.12
CA LEU C 38 -1.16 23.45 9.79
C LEU C 38 -2.57 23.89 10.12
N SER C 39 -3.50 22.92 10.32
CA SER C 39 -4.88 23.38 10.50
C SER C 39 -5.36 22.92 11.95
N LYS A 1 32.59 4.13 2.10
CA LYS A 1 31.83 3.03 1.54
C LYS A 1 30.87 2.35 2.60
N TRP A 2 29.86 1.66 2.11
CA TRP A 2 28.92 0.98 3.04
C TRP A 2 28.14 -0.05 2.23
N ALA A 3 28.83 -0.55 1.18
CA ALA A 3 28.39 -1.49 0.14
C ALA A 3 27.49 -2.59 0.62
N SER A 4 28.03 -3.37 1.56
CA SER A 4 27.31 -4.46 2.23
C SER A 4 26.03 -4.02 3.14
N LEU A 5 26.23 -3.01 4.05
CA LEU A 5 25.09 -2.42 4.77
C LEU A 5 24.02 -1.89 3.80
N TRP A 6 24.42 -1.23 2.68
CA TRP A 6 23.54 -0.77 1.64
C TRP A 6 22.84 -1.95 0.90
N ASN A 7 23.54 -3.04 0.66
CA ASN A 7 22.86 -4.20 0.17
C ASN A 7 21.92 -4.72 1.25
N TRP A 8 22.27 -4.65 2.56
CA TRP A 8 21.39 -5.20 3.60
C TRP A 8 20.11 -4.32 3.72
N PHE A 9 20.26 -3.01 3.55
CA PHE A 9 19.23 -2.03 3.34
C PHE A 9 18.32 -2.30 2.14
N ASN A 10 18.95 -2.54 0.97
CA ASN A 10 18.13 -3.00 -0.20
C ASN A 10 17.34 -4.28 -0.11
N ILE A 11 17.83 -5.30 0.54
CA ILE A 11 17.14 -6.49 0.96
C ILE A 11 16.07 -6.15 2.02
N THR A 12 16.40 -5.31 2.98
CA THR A 12 15.41 -4.81 3.99
C THR A 12 14.23 -4.06 3.41
N ASN A 13 14.49 -3.16 2.46
CA ASN A 13 13.42 -2.42 1.75
C ASN A 13 12.42 -3.29 1.05
N TRP A 14 12.95 -4.25 0.24
CA TRP A 14 12.33 -5.24 -0.63
C TRP A 14 13.21 -5.63 -1.80
N LEU A 15 13.74 -6.86 -1.78
CA LEU A 15 14.25 -7.60 -2.86
C LEU A 15 13.21 -8.62 -3.26
N TRP A 16 12.58 -9.26 -2.21
CA TRP A 16 11.74 -10.43 -2.35
C TRP A 16 10.68 -10.45 -1.24
N TYR A 17 9.52 -10.99 -1.63
CA TYR A 17 8.26 -11.12 -0.90
C TYR A 17 7.88 -10.00 0.15
N ILE A 18 7.01 -9.10 -0.37
CA ILE A 18 6.21 -8.14 0.42
C ILE A 18 7.07 -7.02 1.17
N LYS A 19 7.55 -7.22 2.39
CA LYS A 19 8.54 -6.37 3.10
C LYS A 19 7.99 -5.02 3.42
N LEU A 20 8.93 -4.09 3.77
CA LEU A 20 8.84 -2.70 4.15
C LEU A 20 8.19 -1.83 3.17
N PHE A 21 8.50 -2.07 1.93
CA PHE A 21 7.74 -1.62 0.75
C PHE A 21 6.20 -1.76 0.81
N ILE A 22 5.64 -2.85 1.37
CA ILE A 22 4.25 -2.83 1.69
C ILE A 22 4.07 -2.65 3.23
N MET A 23 4.88 -3.30 4.04
CA MET A 23 4.65 -3.27 5.47
C MET A 23 4.74 -1.86 6.04
N ILE A 24 5.75 -1.00 5.56
CA ILE A 24 5.93 0.37 6.09
C ILE A 24 4.73 1.23 5.75
N VAL A 25 4.30 1.21 4.47
CA VAL A 25 3.07 1.93 3.95
C VAL A 25 1.81 1.50 4.68
N GLY A 26 1.63 0.21 4.90
CA GLY A 26 0.39 -0.36 5.50
C GLY A 26 0.15 0.10 6.96
N GLY A 27 1.24 0.21 7.74
CA GLY A 27 1.15 0.70 9.10
C GLY A 27 0.83 2.16 9.20
N LEU A 28 1.37 2.99 8.25
CA LEU A 28 1.05 4.44 8.19
C LEU A 28 -0.47 4.71 7.91
N VAL A 29 -1.08 3.91 7.07
CA VAL A 29 -2.51 4.06 6.74
C VAL A 29 -3.37 3.61 7.98
N GLY A 30 -3.01 2.52 8.69
CA GLY A 30 -3.75 2.07 9.86
C GLY A 30 -3.61 3.04 10.96
N LEU A 31 -2.49 3.76 11.06
CA LEU A 31 -2.20 4.76 12.05
C LEU A 31 -3.13 5.99 11.86
N ARG A 32 -3.57 6.38 10.66
CA ARG A 32 -4.46 7.52 10.39
C ARG A 32 -5.80 7.31 11.08
N ILE A 33 -6.32 6.06 11.19
CA ILE A 33 -7.50 5.76 11.99
C ILE A 33 -7.43 6.25 13.48
N VAL A 34 -6.67 5.56 14.33
CA VAL A 34 -6.63 5.80 15.77
C VAL A 34 -6.07 7.21 16.05
N PHE A 35 -5.31 7.78 15.04
CA PHE A 35 -4.83 9.12 15.03
C PHE A 35 -5.95 10.12 14.98
N ALA A 36 -6.89 9.93 14.02
CA ALA A 36 -8.20 10.67 14.04
C ALA A 36 -9.07 10.51 15.28
N VAL A 37 -9.17 9.30 15.73
CA VAL A 37 -9.77 9.00 17.02
C VAL A 37 -9.23 9.72 18.24
N LEU A 38 -7.92 9.70 18.47
CA LEU A 38 -7.35 10.48 19.58
C LEU A 38 -7.31 12.00 19.32
N SER A 39 -7.47 12.52 18.08
CA SER A 39 -7.52 13.94 17.73
C SER A 39 -9.07 14.32 17.65
N LYS B 1 -10.63 -33.65 5.36
CA LYS B 1 -10.37 -32.60 6.41
C LYS B 1 -10.67 -31.07 6.14
N TRP B 2 -9.64 -30.31 5.70
CA TRP B 2 -9.73 -28.87 5.71
C TRP B 2 -9.05 -28.22 4.50
N ALA B 3 -8.47 -29.01 3.62
CA ALA B 3 -7.74 -28.57 2.45
C ALA B 3 -8.43 -27.63 1.48
N SER B 4 -9.70 -28.05 1.06
CA SER B 4 -10.55 -27.31 0.11
C SER B 4 -10.89 -25.97 0.71
N LEU B 5 -11.26 -25.88 2.03
CA LEU B 5 -11.61 -24.55 2.52
C LEU B 5 -10.45 -23.71 2.84
N TRP B 6 -9.34 -24.26 3.36
CA TRP B 6 -8.01 -23.69 3.48
C TRP B 6 -7.50 -23.06 2.15
N ASN B 7 -7.60 -23.83 1.09
CA ASN B 7 -7.24 -23.37 -0.23
C ASN B 7 -8.03 -22.23 -0.77
N TRP B 8 -9.39 -22.29 -0.59
CA TRP B 8 -10.23 -21.23 -1.06
C TRP B 8 -10.03 -19.98 -0.21
N PHE B 9 -9.63 -20.22 1.06
CA PHE B 9 -9.17 -19.17 2.00
C PHE B 9 -7.87 -18.39 1.56
N ASN B 10 -6.78 -19.10 1.20
CA ASN B 10 -5.61 -18.58 0.42
C ASN B 10 -6.03 -17.88 -0.88
N ILE B 11 -6.90 -18.49 -1.76
CA ILE B 11 -7.38 -17.82 -2.95
C ILE B 11 -8.15 -16.51 -2.71
N THR B 12 -9.00 -16.47 -1.65
CA THR B 12 -9.72 -15.30 -1.08
C THR B 12 -8.74 -14.24 -0.55
N ASN B 13 -7.79 -14.62 0.22
CA ASN B 13 -6.82 -13.67 0.76
C ASN B 13 -5.85 -13.05 -0.26
N TRP B 14 -5.30 -13.87 -1.15
CA TRP B 14 -4.25 -13.68 -2.14
C TRP B 14 -3.41 -14.90 -2.38
N LEU B 15 -3.61 -15.61 -3.52
CA LEU B 15 -2.61 -16.53 -4.00
C LEU B 15 -2.12 -16.01 -5.35
N TRP B 16 -3.04 -15.50 -6.23
CA TRP B 16 -2.78 -14.73 -7.44
C TRP B 16 -3.50 -13.30 -7.34
N TYR B 17 -2.92 -12.32 -7.97
CA TYR B 17 -3.58 -11.14 -8.55
C TYR B 17 -4.52 -10.40 -7.60
N ILE B 18 -3.98 -9.38 -6.77
CA ILE B 18 -4.68 -8.25 -6.19
C ILE B 18 -5.29 -8.63 -4.86
N LYS B 19 -6.35 -9.44 -4.91
CA LYS B 19 -7.24 -9.96 -3.88
C LYS B 19 -7.47 -9.04 -2.74
N LEU B 20 -7.32 -9.44 -1.48
CA LEU B 20 -7.60 -8.63 -0.29
C LEU B 20 -6.31 -8.25 0.44
N PHE B 21 -5.21 -8.81 -0.12
CA PHE B 21 -3.87 -8.36 0.01
C PHE B 21 -3.76 -6.90 -0.44
N ILE B 22 -4.24 -6.62 -1.68
CA ILE B 22 -4.38 -5.25 -2.08
C ILE B 22 -5.74 -4.63 -1.78
N MET B 23 -6.82 -5.38 -1.91
CA MET B 23 -8.15 -4.78 -1.63
C MET B 23 -8.32 -4.34 -0.20
N ILE B 24 -7.82 -5.03 0.87
CA ILE B 24 -7.95 -4.50 2.20
C ILE B 24 -7.16 -3.14 2.45
N VAL B 25 -5.85 -3.17 2.12
CA VAL B 25 -5.02 -1.95 2.30
C VAL B 25 -5.52 -0.79 1.38
N GLY B 26 -5.90 -1.07 0.14
CA GLY B 26 -6.38 -0.10 -0.83
C GLY B 26 -7.63 0.59 -0.52
N GLY B 27 -8.53 -0.05 0.18
CA GLY B 27 -9.80 0.43 0.66
C GLY B 27 -9.61 1.41 1.78
N LEU B 28 -8.76 1.03 2.74
CA LEU B 28 -8.40 1.91 3.88
C LEU B 28 -7.84 3.29 3.42
N VAL B 29 -7.05 3.37 2.36
CA VAL B 29 -6.62 4.60 1.74
C VAL B 29 -7.80 5.34 1.20
N GLY B 30 -8.71 4.61 0.43
CA GLY B 30 -9.92 5.25 -0.10
C GLY B 30 -10.90 5.78 0.89
N LEU B 31 -11.02 5.08 2.08
CA LEU B 31 -11.74 5.52 3.22
C LEU B 31 -11.35 6.91 3.73
N ARG B 32 -10.01 7.23 3.80
CA ARG B 32 -9.59 8.58 4.20
C ARG B 32 -10.09 9.75 3.34
N ILE B 33 -10.30 9.52 2.02
CA ILE B 33 -10.74 10.51 1.11
C ILE B 33 -12.08 11.15 1.47
N VAL B 34 -13.07 10.26 1.73
CA VAL B 34 -14.44 10.59 2.00
C VAL B 34 -14.56 11.08 3.47
N PHE B 35 -13.44 10.74 4.23
CA PHE B 35 -13.42 11.07 5.64
C PHE B 35 -13.06 12.52 5.79
N ALA B 36 -12.28 13.05 4.80
CA ALA B 36 -12.09 14.47 4.51
C ALA B 36 -13.19 15.26 3.95
N VAL B 37 -13.87 14.62 2.98
CA VAL B 37 -15.16 15.14 2.36
C VAL B 37 -16.22 15.37 3.44
N LEU B 38 -16.41 14.52 4.39
CA LEU B 38 -17.39 14.69 5.41
C LEU B 38 -16.80 15.49 6.62
N SER B 39 -15.55 15.92 6.58
CA SER B 39 -14.90 16.78 7.63
C SER B 39 -14.23 17.98 6.97
N LYS C 1 -8.46 -1.92 -31.21
CA LYS C 1 -8.83 -3.10 -30.45
C LYS C 1 -8.44 -3.17 -29.00
N TRP C 2 -8.99 -4.19 -28.29
CA TRP C 2 -8.84 -4.31 -26.87
C TRP C 2 -7.43 -4.38 -26.41
N ALA C 3 -6.62 -5.14 -27.09
CA ALA C 3 -5.27 -5.39 -26.65
C ALA C 3 -4.38 -4.20 -26.62
N SER C 4 -4.43 -3.40 -27.67
CA SER C 4 -3.98 -2.01 -27.82
C SER C 4 -4.36 -1.12 -26.62
N LEU C 5 -5.64 -1.04 -26.23
CA LEU C 5 -6.18 -0.45 -25.00
C LEU C 5 -5.69 -0.99 -23.67
N TRP C 6 -5.51 -2.31 -23.59
CA TRP C 6 -4.86 -2.97 -22.45
C TRP C 6 -3.41 -2.60 -22.34
N ASN C 7 -2.66 -2.63 -23.47
CA ASN C 7 -1.30 -2.50 -23.52
C ASN C 7 -0.93 -0.99 -23.22
N TRP C 8 -1.87 -0.08 -23.66
CA TRP C 8 -1.98 1.29 -23.27
C TRP C 8 -2.10 1.55 -21.73
N PHE C 9 -3.02 0.73 -21.15
CA PHE C 9 -3.14 0.75 -19.70
C PHE C 9 -1.90 0.17 -19.00
N ASN C 10 -1.32 -0.91 -19.59
CA ASN C 10 -0.13 -1.54 -19.06
C ASN C 10 1.03 -0.62 -18.99
N ILE C 11 1.27 0.25 -20.06
CA ILE C 11 2.43 1.17 -20.16
C ILE C 11 2.21 2.35 -19.24
N THR C 12 1.01 2.78 -18.98
CA THR C 12 0.81 3.91 -18.13
C THR C 12 0.84 3.65 -16.64
N ASN C 13 0.18 2.57 -16.20
CA ASN C 13 -0.14 2.43 -14.81
C ASN C 13 0.77 1.46 -14.10
N TRP C 14 1.21 0.35 -14.75
CA TRP C 14 1.94 -0.59 -13.88
C TRP C 14 2.69 -1.55 -14.75
N LEU C 15 3.59 -0.97 -15.57
CA LEU C 15 4.33 -1.60 -16.62
C LEU C 15 5.36 -2.61 -16.01
N TRP C 16 5.81 -2.31 -14.82
CA TRP C 16 6.76 -3.10 -14.04
C TRP C 16 6.49 -2.73 -12.65
N TYR C 17 7.23 -3.37 -11.70
CA TYR C 17 7.28 -3.05 -10.29
C TYR C 17 7.05 -1.61 -9.75
N ILE C 18 6.21 -1.40 -8.69
CA ILE C 18 6.06 -0.01 -8.10
C ILE C 18 5.01 0.75 -8.98
N LYS C 19 5.43 1.83 -9.58
CA LYS C 19 4.59 2.64 -10.43
C LYS C 19 3.53 3.39 -9.83
N LEU C 20 2.54 3.87 -10.62
CA LEU C 20 1.32 4.56 -10.32
C LEU C 20 0.27 3.69 -9.58
N PHE C 21 0.33 2.36 -9.75
CA PHE C 21 -0.45 1.48 -8.92
C PHE C 21 -0.05 1.57 -7.41
N ILE C 22 1.16 1.89 -7.05
CA ILE C 22 1.46 2.15 -5.66
C ILE C 22 1.56 3.65 -5.55
N MET C 23 2.01 4.44 -6.62
CA MET C 23 2.34 5.84 -6.27
C MET C 23 1.10 6.63 -6.25
N ILE C 24 0.00 6.17 -6.85
CA ILE C 24 -1.29 6.90 -6.77
C ILE C 24 -1.77 6.84 -5.35
N VAL C 25 -1.84 5.60 -4.74
CA VAL C 25 -2.55 5.54 -3.45
C VAL C 25 -1.60 5.87 -2.34
N GLY C 26 -0.31 5.69 -2.50
CA GLY C 26 0.67 6.14 -1.49
C GLY C 26 0.88 7.61 -1.28
N GLY C 27 0.74 8.34 -2.40
CA GLY C 27 0.61 9.81 -2.49
C GLY C 27 -0.54 10.38 -1.65
N LEU C 28 -1.75 9.76 -1.69
CA LEU C 28 -2.86 10.18 -0.94
C LEU C 28 -2.69 10.04 0.59
N VAL C 29 -2.22 8.86 1.12
CA VAL C 29 -1.86 8.84 2.50
C VAL C 29 -0.77 9.81 3.01
N GLY C 30 0.27 9.96 2.17
CA GLY C 30 1.36 10.88 2.49
C GLY C 30 0.78 12.24 2.62
N LEU C 31 -0.27 12.56 1.88
CA LEU C 31 -0.85 13.89 1.88
C LEU C 31 -1.57 14.21 3.25
N ARG C 32 -2.25 13.13 3.84
CA ARG C 32 -3.04 13.41 5.07
C ARG C 32 -2.05 13.63 6.30
N ILE C 33 -0.75 13.11 6.26
CA ILE C 33 0.12 13.19 7.40
C ILE C 33 0.44 14.67 7.71
N VAL C 34 0.90 15.39 6.69
CA VAL C 34 1.23 16.76 6.62
C VAL C 34 0.03 17.68 6.87
N PHE C 35 -1.16 17.24 6.42
CA PHE C 35 -2.41 17.97 6.50
C PHE C 35 -2.73 18.07 8.02
N ALA C 36 -2.43 17.02 8.81
CA ALA C 36 -2.45 17.13 10.22
C ALA C 36 -1.28 17.89 10.91
N VAL C 37 -0.10 17.68 10.40
CA VAL C 37 1.09 18.41 10.87
C VAL C 37 0.96 19.93 10.79
N LEU C 38 0.39 20.40 9.68
CA LEU C 38 0.08 21.80 9.43
C LEU C 38 -1.31 22.28 10.06
N SER C 39 -1.93 21.42 10.82
CA SER C 39 -3.12 21.70 11.60
C SER C 39 -2.79 21.59 13.11
N LYS A 1 33.21 3.43 3.10
CA LYS A 1 32.47 2.17 2.96
C LYS A 1 31.45 1.77 4.06
N TRP A 2 30.29 1.16 3.58
CA TRP A 2 29.31 0.62 4.53
C TRP A 2 28.37 -0.39 3.90
N ALA A 3 28.88 -0.99 2.85
CA ALA A 3 28.23 -1.83 1.87
C ALA A 3 27.47 -2.99 2.47
N SER A 4 28.11 -3.76 3.44
CA SER A 4 27.42 -4.78 4.19
C SER A 4 26.26 -4.25 5.05
N LEU A 5 26.43 -3.11 5.73
CA LEU A 5 25.34 -2.41 6.38
C LEU A 5 24.17 -1.93 5.53
N TRP A 6 24.53 -1.27 4.29
CA TRP A 6 23.56 -0.85 3.27
C TRP A 6 22.71 -1.99 2.73
N ASN A 7 23.40 -3.17 2.47
CA ASN A 7 22.73 -4.30 1.92
C ASN A 7 21.72 -4.91 2.96
N TRP A 8 22.06 -4.86 4.30
CA TRP A 8 21.15 -5.31 5.34
C TRP A 8 19.92 -4.39 5.37
N PHE A 9 20.17 -3.05 5.17
CA PHE A 9 19.17 -2.04 5.06
C PHE A 9 18.20 -2.27 3.91
N ASN A 10 18.67 -2.59 2.69
CA ASN A 10 17.95 -2.83 1.55
C ASN A 10 17.05 -4.10 1.66
N ILE A 11 17.62 -5.22 2.14
CA ILE A 11 16.99 -6.47 2.49
C ILE A 11 15.93 -6.25 3.45
N THR A 12 16.14 -5.44 4.48
CA THR A 12 15.15 -5.07 5.43
C THR A 12 14.03 -4.14 5.01
N ASN A 13 14.33 -3.04 4.24
CA ASN A 13 13.28 -2.18 3.69
C ASN A 13 12.29 -2.89 2.72
N TRP A 14 12.91 -3.70 1.80
CA TRP A 14 12.27 -4.70 0.92
C TRP A 14 13.29 -5.20 -0.12
N LEU A 15 13.65 -6.56 0.00
CA LEU A 15 14.15 -7.32 -1.13
C LEU A 15 13.26 -8.49 -1.43
N TRP A 16 12.92 -9.38 -0.44
CA TRP A 16 12.09 -10.49 -0.70
C TRP A 16 10.85 -10.54 0.17
N TYR A 17 9.68 -10.44 -0.57
CA TYR A 17 8.41 -10.54 0.12
C TYR A 17 7.95 -9.57 1.23
N ILE A 18 6.91 -8.78 0.82
CA ILE A 18 6.26 -7.85 1.75
C ILE A 18 7.04 -6.62 2.12
N LYS A 19 7.96 -6.80 3.17
CA LYS A 19 8.74 -5.95 4.08
C LYS A 19 8.15 -4.64 4.56
N LEU A 20 8.92 -3.56 4.63
CA LEU A 20 8.64 -2.37 5.23
C LEU A 20 8.19 -1.36 4.18
N PHE A 21 8.35 -1.75 2.86
CA PHE A 21 7.60 -1.25 1.74
C PHE A 21 6.09 -1.53 1.85
N ILE A 22 5.70 -2.67 2.48
CA ILE A 22 4.28 -2.80 2.87
C ILE A 22 4.16 -2.33 4.30
N MET A 23 4.95 -2.77 5.28
CA MET A 23 4.61 -2.47 6.68
C MET A 23 4.85 -1.00 7.13
N ILE A 24 5.82 -0.13 6.56
CA ILE A 24 5.83 1.31 6.87
C ILE A 24 4.62 2.04 6.33
N VAL A 25 4.16 1.81 5.05
CA VAL A 25 2.89 2.36 4.46
C VAL A 25 1.67 1.90 5.23
N GLY A 26 1.45 0.58 5.55
CA GLY A 26 0.21 0.08 6.06
C GLY A 26 -0.05 0.54 7.49
N GLY A 27 0.94 0.62 8.41
CA GLY A 27 0.81 1.29 9.69
C GLY A 27 0.51 2.73 9.70
N LEU A 28 1.08 3.56 8.80
CA LEU A 28 0.71 4.94 8.69
C LEU A 28 -0.69 5.27 8.29
N VAL A 29 -1.37 4.40 7.50
CA VAL A 29 -2.85 4.37 7.38
C VAL A 29 -3.67 4.18 8.67
N GLY A 30 -3.32 3.10 9.46
CA GLY A 30 -4.01 2.59 10.68
C GLY A 30 -3.77 3.54 11.84
N LEU A 31 -2.61 4.17 11.85
CA LEU A 31 -2.29 5.33 12.60
C LEU A 31 -3.23 6.55 12.36
N ARG A 32 -3.68 6.91 11.09
CA ARG A 32 -4.51 8.12 10.98
C ARG A 32 -5.90 8.04 11.63
N ILE A 33 -6.47 6.80 11.68
CA ILE A 33 -7.78 6.54 12.25
C ILE A 33 -7.85 7.06 13.71
N VAL A 34 -6.82 6.71 14.54
CA VAL A 34 -6.72 7.00 15.94
C VAL A 34 -6.19 8.31 16.21
N PHE A 35 -5.44 8.85 15.22
CA PHE A 35 -5.10 10.25 15.15
C PHE A 35 -6.41 11.13 15.11
N ALA A 36 -7.47 10.87 14.26
CA ALA A 36 -8.73 11.55 14.38
C ALA A 36 -9.38 11.23 15.72
N VAL A 37 -9.26 10.01 16.34
CA VAL A 37 -9.87 9.79 17.62
C VAL A 37 -9.22 10.57 18.78
N LEU A 38 -7.89 10.71 18.81
CA LEU A 38 -7.33 11.38 19.96
C LEU A 38 -6.83 12.79 19.66
N SER A 39 -6.90 13.23 18.37
CA SER A 39 -6.61 14.55 17.84
C SER A 39 -7.75 15.16 16.99
N LYS B 1 -11.71 -32.45 7.64
CA LYS B 1 -10.70 -31.71 8.31
C LYS B 1 -10.73 -30.25 7.97
N TRP B 2 -9.69 -29.60 7.26
CA TRP B 2 -9.79 -28.16 7.12
C TRP B 2 -9.04 -27.55 5.94
N ALA B 3 -8.33 -28.36 5.16
CA ALA B 3 -7.54 -27.84 4.10
C ALA B 3 -8.34 -27.29 3.00
N SER B 4 -9.47 -27.86 2.59
CA SER B 4 -10.35 -27.35 1.54
C SER B 4 -10.81 -25.91 1.87
N LEU B 5 -11.26 -25.58 3.10
CA LEU B 5 -11.49 -24.22 3.50
C LEU B 5 -10.31 -23.37 3.69
N TRP B 6 -9.12 -23.85 4.11
CA TRP B 6 -7.89 -23.02 4.18
C TRP B 6 -7.50 -22.52 2.76
N ASN B 7 -7.60 -23.42 1.80
CA ASN B 7 -7.18 -23.04 0.40
C ASN B 7 -8.09 -21.87 -0.06
N TRP B 8 -9.44 -21.93 0.19
CA TRP B 8 -10.36 -20.76 0.06
C TRP B 8 -9.96 -19.52 0.93
N PHE B 9 -9.49 -19.74 2.12
CA PHE B 9 -8.97 -18.66 2.93
C PHE B 9 -7.74 -17.99 2.38
N ASN B 10 -6.74 -18.78 1.93
CA ASN B 10 -5.53 -18.39 1.26
C ASN B 10 -5.82 -17.63 -0.04
N ILE B 11 -6.71 -18.14 -0.89
CA ILE B 11 -7.22 -17.56 -2.12
C ILE B 11 -8.11 -16.27 -1.97
N THR B 12 -8.95 -16.23 -0.91
CA THR B 12 -9.70 -15.07 -0.49
C THR B 12 -8.72 -13.94 -0.13
N ASN B 13 -7.76 -14.30 0.69
CA ASN B 13 -6.86 -13.32 1.27
C ASN B 13 -5.99 -12.60 0.28
N TRP B 14 -5.23 -13.40 -0.60
CA TRP B 14 -4.17 -13.06 -1.59
C TRP B 14 -3.18 -14.17 -1.73
N LEU B 15 -3.42 -15.07 -2.70
CA LEU B 15 -2.43 -15.89 -3.25
C LEU B 15 -1.97 -15.13 -4.54
N TRP B 16 -2.97 -14.88 -5.36
CA TRP B 16 -2.88 -14.40 -6.73
C TRP B 16 -3.70 -13.14 -7.02
N TYR B 17 -3.17 -12.13 -7.70
CA TYR B 17 -3.93 -10.97 -8.17
C TYR B 17 -4.70 -10.20 -7.23
N ILE B 18 -4.01 -9.35 -6.41
CA ILE B 18 -4.49 -8.15 -5.64
C ILE B 18 -5.05 -8.51 -4.28
N LYS B 19 -6.24 -9.10 -4.28
CA LYS B 19 -7.12 -9.57 -3.27
C LYS B 19 -7.18 -8.64 -2.09
N LEU B 20 -7.35 -9.03 -0.82
CA LEU B 20 -7.54 -8.38 0.50
C LEU B 20 -6.24 -7.82 0.97
N PHE B 21 -5.10 -8.31 0.53
CA PHE B 21 -3.70 -7.80 0.70
C PHE B 21 -3.59 -6.46 0.07
N ILE B 22 -4.04 -6.28 -1.16
CA ILE B 22 -4.10 -4.87 -1.66
C ILE B 22 -5.37 -4.23 -1.19
N MET B 23 -6.55 -4.97 -1.22
CA MET B 23 -7.81 -4.30 -1.02
C MET B 23 -8.07 -3.75 0.39
N ILE B 24 -7.53 -4.41 1.45
CA ILE B 24 -7.66 -3.86 2.84
C ILE B 24 -6.91 -2.58 2.97
N VAL B 25 -5.71 -2.45 2.37
CA VAL B 25 -4.94 -1.19 2.37
C VAL B 25 -5.50 -0.05 1.59
N GLY B 26 -5.99 -0.39 0.35
CA GLY B 26 -6.51 0.59 -0.61
C GLY B 26 -7.87 1.21 -0.26
N GLY B 27 -8.68 0.39 0.45
CA GLY B 27 -9.98 0.77 0.93
C GLY B 27 -9.84 1.78 2.09
N LEU B 28 -8.87 1.56 2.99
CA LEU B 28 -8.64 2.38 4.12
C LEU B 28 -8.06 3.80 3.77
N VAL B 29 -7.20 3.87 2.70
CA VAL B 29 -6.66 5.11 2.18
C VAL B 29 -7.72 5.95 1.51
N GLY B 30 -8.57 5.30 0.69
CA GLY B 30 -9.79 5.90 0.14
C GLY B 30 -10.81 6.37 1.21
N LEU B 31 -11.00 5.64 2.34
CA LEU B 31 -11.77 6.16 3.44
C LEU B 31 -11.29 7.49 4.04
N ARG B 32 -9.95 7.82 4.10
CA ARG B 32 -9.48 9.15 4.60
C ARG B 32 -9.99 10.33 3.72
N ILE B 33 -10.26 10.07 2.41
CA ILE B 33 -10.62 11.18 1.46
C ILE B 33 -12.03 11.79 1.87
N VAL B 34 -13.10 10.90 2.10
CA VAL B 34 -14.36 11.38 2.53
C VAL B 34 -14.33 11.90 3.96
N PHE B 35 -13.47 11.29 4.81
CA PHE B 35 -13.35 11.74 6.16
C PHE B 35 -12.90 13.19 6.22
N ALA B 36 -11.92 13.61 5.40
CA ALA B 36 -11.66 15.04 5.11
C ALA B 36 -12.81 15.89 4.48
N VAL B 37 -13.53 15.21 3.49
CA VAL B 37 -14.69 15.95 3.07
C VAL B 37 -15.80 16.26 4.15
N LEU B 38 -15.98 15.35 5.20
CA LEU B 38 -16.96 15.70 6.25
C LEU B 38 -16.34 16.64 7.24
N SER B 39 -15.01 16.46 7.58
CA SER B 39 -14.30 17.19 8.54
C SER B 39 -13.67 18.52 7.95
N LYS C 1 -8.77 -3.18 -31.01
CA LYS C 1 -9.08 -4.40 -30.17
C LYS C 1 -9.00 -4.16 -28.69
N TRP C 2 -9.68 -4.93 -27.77
CA TRP C 2 -9.50 -4.88 -26.29
C TRP C 2 -8.12 -5.32 -25.92
N ALA C 3 -7.58 -6.32 -26.58
CA ALA C 3 -6.23 -6.82 -26.27
C ALA C 3 -5.06 -5.83 -26.24
N SER C 4 -5.05 -4.84 -27.09
CA SER C 4 -4.03 -3.72 -27.14
C SER C 4 -4.46 -2.61 -26.18
N LEU C 5 -5.76 -2.35 -25.92
CA LEU C 5 -6.30 -1.50 -24.84
C LEU C 5 -5.80 -2.04 -23.51
N TRP C 6 -5.87 -3.39 -23.28
CA TRP C 6 -5.33 -4.02 -22.09
C TRP C 6 -3.86 -4.04 -22.01
N ASN C 7 -3.12 -4.35 -23.05
CA ASN C 7 -1.68 -4.06 -23.05
C ASN C 7 -1.20 -2.62 -22.84
N TRP C 8 -1.86 -1.62 -23.48
CA TRP C 8 -1.70 -0.16 -23.23
C TRP C 8 -1.97 0.31 -21.74
N PHE C 9 -3.02 -0.27 -21.18
CA PHE C 9 -3.35 -0.06 -19.78
C PHE C 9 -2.28 -0.54 -18.79
N ASN C 10 -1.80 -1.79 -18.98
CA ASN C 10 -0.65 -2.43 -18.35
C ASN C 10 0.62 -1.61 -18.43
N ILE C 11 1.06 -1.17 -19.63
CA ILE C 11 2.16 -0.17 -19.76
C ILE C 11 1.97 1.11 -19.02
N THR C 12 0.91 1.78 -19.29
CA THR C 12 0.68 3.11 -18.80
C THR C 12 0.52 3.27 -17.25
N ASN C 13 -0.12 2.21 -16.62
CA ASN C 13 -0.36 2.28 -15.14
C ASN C 13 0.65 1.53 -14.26
N TRP C 14 1.06 0.28 -14.65
CA TRP C 14 1.86 -0.53 -13.69
C TRP C 14 2.51 -1.69 -14.38
N LEU C 15 3.66 -1.38 -15.03
CA LEU C 15 4.32 -2.34 -15.97
C LEU C 15 5.53 -2.91 -15.29
N TRP C 16 5.95 -2.36 -14.20
CA TRP C 16 7.09 -2.87 -13.48
C TRP C 16 6.81 -2.42 -12.11
N TYR C 17 7.66 -2.68 -11.05
CA TYR C 17 7.40 -2.41 -9.63
C TYR C 17 6.95 -1.01 -9.38
N ILE C 18 6.13 -0.83 -8.26
CA ILE C 18 5.69 0.37 -7.74
C ILE C 18 4.83 1.05 -8.70
N LYS C 19 5.21 2.18 -9.31
CA LYS C 19 4.49 3.05 -10.22
C LYS C 19 3.24 3.60 -9.57
N LEU C 20 2.30 4.32 -10.24
CA LEU C 20 0.96 4.80 -9.82
C LEU C 20 0.16 3.89 -8.96
N PHE C 21 0.22 2.63 -9.10
CA PHE C 21 -0.38 1.56 -8.29
C PHE C 21 0.04 1.60 -6.81
N ILE C 22 1.34 1.85 -6.60
CA ILE C 22 1.70 2.23 -5.22
C ILE C 22 1.66 3.67 -5.06
N MET C 23 2.10 4.47 -6.10
CA MET C 23 2.34 5.90 -5.80
C MET C 23 1.06 6.69 -5.69
N ILE C 24 -0.10 6.28 -6.30
CA ILE C 24 -1.35 6.97 -6.07
C ILE C 24 -1.72 6.81 -4.60
N VAL C 25 -1.63 5.55 -4.04
CA VAL C 25 -2.14 5.27 -2.64
C VAL C 25 -1.20 5.93 -1.67
N GLY C 26 0.12 5.84 -1.95
CA GLY C 26 1.21 6.27 -1.02
C GLY C 26 1.27 7.76 -0.82
N GLY C 27 1.12 8.51 -1.91
CA GLY C 27 0.94 9.98 -1.89
C GLY C 27 -0.27 10.44 -1.06
N LEU C 28 -1.38 9.75 -1.16
CA LEU C 28 -2.53 10.19 -0.43
C LEU C 28 -2.34 10.18 1.10
N VAL C 29 -1.68 9.09 1.60
CA VAL C 29 -1.40 8.80 2.99
C VAL C 29 -0.34 9.74 3.53
N GLY C 30 0.62 10.03 2.67
CA GLY C 30 1.70 10.91 3.04
C GLY C 30 1.17 12.30 3.08
N LEU C 31 0.15 12.57 2.18
CA LEU C 31 -0.49 13.88 2.08
C LEU C 31 -1.28 14.24 3.34
N ARG C 32 -2.01 13.32 3.94
CA ARG C 32 -2.72 13.60 5.16
C ARG C 32 -1.91 13.98 6.40
N ILE C 33 -0.75 13.35 6.63
CA ILE C 33 0.08 13.47 7.82
C ILE C 33 0.53 14.96 7.93
N VAL C 34 1.00 15.57 6.84
CA VAL C 34 1.65 16.86 7.02
C VAL C 34 0.57 17.92 6.72
N PHE C 35 -0.61 17.55 6.07
CA PHE C 35 -1.85 18.31 5.94
C PHE C 35 -2.32 18.64 7.38
N ALA C 36 -2.31 17.60 8.23
CA ALA C 36 -2.56 17.89 9.65
C ALA C 36 -1.41 18.82 10.28
N VAL C 37 -0.08 18.52 10.01
CA VAL C 37 0.97 19.32 10.63
C VAL C 37 0.88 20.81 10.29
N LEU C 38 0.62 21.15 9.03
CA LEU C 38 0.45 22.52 8.55
C LEU C 38 -0.91 23.10 8.68
N SER C 39 -1.93 22.28 9.19
CA SER C 39 -3.12 22.74 9.76
C SER C 39 -2.91 22.77 11.26
N LYS A 1 33.34 1.67 3.09
CA LYS A 1 32.66 0.34 2.94
C LYS A 1 31.59 -0.07 4.02
N TRP A 2 30.51 -0.73 3.57
CA TRP A 2 29.48 -1.11 4.54
C TRP A 2 28.61 -2.13 3.94
N ALA A 3 29.09 -2.93 2.97
CA ALA A 3 28.30 -3.85 2.07
C ALA A 3 27.49 -4.97 2.73
N SER A 4 28.00 -5.60 3.79
CA SER A 4 27.19 -6.55 4.61
C SER A 4 26.11 -5.85 5.45
N LEU A 5 26.44 -4.79 6.21
CA LEU A 5 25.47 -3.93 6.93
C LEU A 5 24.49 -3.37 5.90
N TRP A 6 24.91 -2.88 4.75
CA TRP A 6 23.96 -2.38 3.71
C TRP A 6 23.10 -3.41 3.02
N ASN A 7 23.63 -4.58 2.59
CA ASN A 7 22.79 -5.71 2.24
C ASN A 7 21.80 -6.29 3.22
N TRP A 8 22.16 -6.29 4.49
CA TRP A 8 21.21 -6.64 5.54
C TRP A 8 20.08 -5.59 5.70
N PHE A 9 20.37 -4.32 5.47
CA PHE A 9 19.45 -3.13 5.36
C PHE A 9 18.43 -3.37 4.21
N ASN A 10 18.87 -3.73 2.96
CA ASN A 10 18.09 -4.08 1.85
C ASN A 10 17.09 -5.29 2.05
N ILE A 11 17.63 -6.35 2.68
CA ILE A 11 16.92 -7.47 3.16
C ILE A 11 15.88 -7.11 4.16
N THR A 12 16.22 -6.27 5.19
CA THR A 12 15.27 -5.75 6.24
C THR A 12 14.25 -4.88 5.70
N ASN A 13 14.64 -4.03 4.75
CA ASN A 13 13.77 -3.09 4.10
C ASN A 13 12.59 -3.81 3.29
N TRP A 14 13.07 -4.83 2.48
CA TRP A 14 12.32 -5.88 1.76
C TRP A 14 13.16 -6.42 0.69
N LEU A 15 13.63 -7.68 0.91
CA LEU A 15 14.03 -8.52 -0.19
C LEU A 15 12.99 -9.48 -0.42
N TRP A 16 12.75 -10.49 0.44
CA TRP A 16 11.77 -11.51 0.26
C TRP A 16 10.47 -11.20 1.14
N TYR A 17 9.30 -11.11 0.50
CA TYR A 17 8.03 -11.28 1.21
C TYR A 17 7.70 -10.13 2.21
N ILE A 18 6.85 -9.22 1.82
CA ILE A 18 6.17 -8.19 2.63
C ILE A 18 7.12 -7.18 3.26
N LYS A 19 7.66 -7.36 4.50
CA LYS A 19 8.51 -6.50 5.28
C LYS A 19 8.00 -5.07 5.40
N LEU A 20 8.84 -4.14 5.77
CA LEU A 20 8.75 -2.74 6.02
C LEU A 20 8.27 -1.81 4.82
N PHE A 21 8.60 -2.22 3.62
CA PHE A 21 7.90 -1.82 2.40
C PHE A 21 6.41 -1.92 2.50
N ILE A 22 5.79 -2.95 3.07
CA ILE A 22 4.39 -2.92 3.31
C ILE A 22 4.19 -2.44 4.68
N MET A 23 4.94 -2.92 5.69
CA MET A 23 4.54 -2.72 7.06
C MET A 23 4.77 -1.28 7.54
N ILE A 24 5.77 -0.45 7.04
CA ILE A 24 5.81 1.00 7.36
C ILE A 24 4.60 1.78 6.82
N VAL A 25 4.20 1.48 5.53
CA VAL A 25 3.03 2.01 4.88
C VAL A 25 1.79 1.75 5.58
N GLY A 26 1.48 0.48 5.99
CA GLY A 26 0.28 0.06 6.73
C GLY A 26 0.05 0.63 8.11
N GLY A 27 1.11 0.68 8.92
CA GLY A 27 1.03 1.41 10.22
C GLY A 27 0.74 2.91 10.08
N LEU A 28 1.40 3.67 9.19
CA LEU A 28 1.03 5.08 8.96
C LEU A 28 -0.43 5.33 8.64
N VAL A 29 -0.99 4.49 7.76
CA VAL A 29 -2.48 4.58 7.53
C VAL A 29 -3.32 4.35 8.73
N GLY A 30 -3.03 3.27 9.45
CA GLY A 30 -3.65 2.95 10.74
C GLY A 30 -3.51 3.99 11.78
N LEU A 31 -2.41 4.73 11.83
CA LEU A 31 -2.24 5.91 12.67
C LEU A 31 -3.31 6.99 12.37
N ARG A 32 -3.51 7.36 11.06
CA ARG A 32 -4.37 8.48 10.68
C ARG A 32 -5.80 8.43 11.26
N ILE A 33 -6.30 7.17 11.35
CA ILE A 33 -7.54 6.78 11.94
C ILE A 33 -7.90 7.20 13.37
N VAL A 34 -7.03 6.88 14.35
CA VAL A 34 -7.01 7.27 15.75
C VAL A 34 -6.56 8.66 16.03
N PHE A 35 -5.74 9.12 15.08
CA PHE A 35 -5.36 10.54 14.94
C PHE A 35 -6.52 11.42 14.86
N ALA A 36 -7.56 11.13 14.04
CA ALA A 36 -8.71 11.91 13.89
C ALA A 36 -9.78 11.50 14.82
N VAL A 37 -9.61 10.38 15.57
CA VAL A 37 -10.40 10.10 16.76
C VAL A 37 -10.01 10.95 18.01
N LEU A 38 -8.67 11.13 18.28
CA LEU A 38 -8.30 11.85 19.42
C LEU A 38 -7.90 13.30 19.11
N SER A 39 -7.66 13.68 17.77
CA SER A 39 -7.49 15.06 17.34
C SER A 39 -8.63 15.38 16.35
N LYS B 1 -10.15 -33.29 8.58
CA LYS B 1 -10.38 -32.39 9.79
C LYS B 1 -10.56 -30.86 9.60
N TRP B 2 -9.50 -30.17 9.10
CA TRP B 2 -9.47 -28.72 8.98
C TRP B 2 -8.78 -28.14 7.75
N ALA B 3 -8.28 -29.01 6.88
CA ALA B 3 -7.57 -28.62 5.69
C ALA B 3 -8.26 -27.81 4.58
N SER B 4 -9.46 -28.25 4.13
CA SER B 4 -10.16 -27.46 3.06
C SER B 4 -10.44 -26.07 3.63
N LEU B 5 -10.99 -25.90 4.87
CA LEU B 5 -11.19 -24.57 5.52
C LEU B 5 -9.99 -23.68 5.77
N TRP B 6 -8.79 -24.27 6.22
CA TRP B 6 -7.53 -23.61 6.23
C TRP B 6 -7.09 -23.24 4.87
N ASN B 7 -7.11 -24.08 3.86
CA ASN B 7 -6.76 -23.58 2.51
C ASN B 7 -7.66 -22.48 2.01
N TRP B 8 -8.94 -22.56 2.20
CA TRP B 8 -9.86 -21.47 1.87
C TRP B 8 -9.55 -20.11 2.64
N PHE B 9 -9.36 -20.15 3.98
CA PHE B 9 -8.76 -19.09 4.75
C PHE B 9 -7.45 -18.55 4.26
N ASN B 10 -6.56 -19.45 3.78
CA ASN B 10 -5.33 -19.10 3.11
C ASN B 10 -5.43 -18.31 1.77
N ILE B 11 -6.29 -18.83 0.86
CA ILE B 11 -6.66 -18.20 -0.33
C ILE B 11 -7.31 -16.86 -0.19
N THR B 12 -8.29 -16.76 0.80
CA THR B 12 -9.04 -15.56 1.30
C THR B 12 -8.13 -14.42 1.77
N ASN B 13 -7.17 -14.76 2.63
CA ASN B 13 -6.20 -13.69 3.03
C ASN B 13 -5.33 -13.27 1.81
N TRP B 14 -4.53 -14.23 1.24
CA TRP B 14 -3.67 -14.00 0.10
C TRP B 14 -2.66 -15.21 -0.06
N LEU B 15 -2.97 -16.16 -1.00
CA LEU B 15 -2.00 -17.11 -1.47
C LEU B 15 -1.45 -16.65 -2.82
N TRP B 16 -2.38 -16.08 -3.67
CA TRP B 16 -2.15 -15.53 -4.95
C TRP B 16 -2.87 -14.28 -5.16
N TYR B 17 -2.31 -13.36 -6.02
CA TYR B 17 -3.02 -12.32 -6.77
C TYR B 17 -3.80 -11.25 -5.92
N ILE B 18 -3.09 -10.31 -5.19
CA ILE B 18 -3.66 -9.02 -4.61
C ILE B 18 -4.24 -9.19 -3.19
N LYS B 19 -5.42 -9.80 -3.20
CA LYS B 19 -6.42 -10.12 -2.18
C LYS B 19 -6.56 -9.15 -1.05
N LEU B 20 -6.91 -9.63 0.18
CA LEU B 20 -7.31 -8.86 1.35
C LEU B 20 -6.06 -8.37 2.17
N PHE B 21 -4.97 -8.98 1.69
CA PHE B 21 -3.62 -8.41 1.89
C PHE B 21 -3.43 -6.98 1.32
N ILE B 22 -3.90 -6.68 0.07
CA ILE B 22 -3.89 -5.32 -0.43
C ILE B 22 -5.22 -4.71 -0.15
N MET B 23 -6.34 -5.52 -0.15
CA MET B 23 -7.69 -4.81 -0.01
C MET B 23 -7.78 -4.22 1.41
N ILE B 24 -7.19 -4.82 2.52
CA ILE B 24 -7.22 -4.11 3.75
C ILE B 24 -6.53 -2.75 3.82
N VAL B 25 -5.31 -2.73 3.20
CA VAL B 25 -4.53 -1.46 3.25
C VAL B 25 -5.05 -0.42 2.21
N GLY B 26 -5.37 -0.82 0.97
CA GLY B 26 -5.86 0.01 -0.10
C GLY B 26 -7.20 0.69 0.25
N GLY B 27 -8.06 -0.08 0.95
CA GLY B 27 -9.33 0.43 1.35
C GLY B 27 -9.27 1.46 2.42
N LEU B 28 -8.44 1.31 3.44
CA LEU B 28 -8.19 2.34 4.50
C LEU B 28 -7.64 3.60 3.97
N VAL B 29 -6.76 3.58 2.91
CA VAL B 29 -6.23 4.74 2.21
C VAL B 29 -7.42 5.44 1.55
N GLY B 30 -8.31 4.71 0.92
CA GLY B 30 -9.52 5.22 0.28
C GLY B 30 -10.50 5.88 1.24
N LEU B 31 -10.67 5.23 2.34
CA LEU B 31 -11.56 5.77 3.43
C LEU B 31 -11.09 7.11 3.87
N ARG B 32 -9.78 7.41 4.04
CA ARG B 32 -9.33 8.75 4.37
C ARG B 32 -9.80 9.90 3.46
N ILE B 33 -9.84 9.66 2.19
CA ILE B 33 -10.22 10.64 1.12
C ILE B 33 -11.64 11.30 1.18
N VAL B 34 -12.63 10.46 1.51
CA VAL B 34 -14.04 10.86 1.68
C VAL B 34 -14.20 11.28 3.13
N PHE B 35 -13.38 10.79 4.01
CA PHE B 35 -13.38 11.17 5.36
C PHE B 35 -13.03 12.68 5.47
N ALA B 36 -12.12 13.14 4.64
CA ALA B 36 -11.98 14.60 4.40
C ALA B 36 -13.11 15.28 3.76
N VAL B 37 -13.87 14.61 2.78
CA VAL B 37 -15.04 15.21 2.23
C VAL B 37 -16.12 15.50 3.23
N LEU B 38 -16.47 14.56 4.00
CA LEU B 38 -17.50 14.61 5.07
C LEU B 38 -17.03 15.27 6.34
N SER B 39 -15.71 15.54 6.48
CA SER B 39 -15.24 16.29 7.65
C SER B 39 -14.62 17.64 7.24
N LYS C 1 -7.52 -4.85 -29.94
CA LYS C 1 -7.24 -6.22 -29.31
C LYS C 1 -7.02 -6.13 -27.87
N TRP C 2 -7.75 -6.95 -27.07
CA TRP C 2 -7.70 -7.10 -25.63
C TRP C 2 -6.38 -7.59 -25.13
N ALA C 3 -5.75 -8.49 -25.84
CA ALA C 3 -4.39 -8.90 -25.61
C ALA C 3 -3.48 -7.69 -25.51
N SER C 4 -3.43 -6.80 -26.58
CA SER C 4 -2.59 -5.68 -26.71
C SER C 4 -2.84 -4.60 -25.62
N LEU C 5 -4.10 -4.29 -25.32
CA LEU C 5 -4.53 -3.44 -24.19
C LEU C 5 -4.20 -3.95 -22.78
N TRP C 6 -4.35 -5.26 -22.49
CA TRP C 6 -4.10 -5.77 -21.12
C TRP C 6 -2.57 -5.70 -20.83
N ASN C 7 -1.70 -6.01 -21.76
CA ASN C 7 -0.25 -5.74 -21.83
C ASN C 7 0.01 -4.22 -21.66
N TRP C 8 -0.77 -3.34 -22.33
CA TRP C 8 -0.64 -1.93 -22.16
C TRP C 8 -0.85 -1.53 -20.73
N PHE C 9 -1.93 -2.09 -20.07
CA PHE C 9 -2.15 -1.94 -18.62
C PHE C 9 -1.16 -2.55 -17.73
N ASN C 10 -0.48 -3.69 -18.12
CA ASN C 10 0.63 -4.24 -17.43
C ASN C 10 1.81 -3.28 -17.47
N ILE C 11 2.14 -2.70 -18.67
CA ILE C 11 3.19 -1.71 -18.93
C ILE C 11 3.04 -0.42 -18.18
N THR C 12 1.79 0.19 -18.28
CA THR C 12 1.53 1.54 -17.72
C THR C 12 1.29 1.58 -16.24
N ASN C 13 0.73 0.49 -15.64
CA ASN C 13 0.48 0.41 -14.18
C ASN C 13 1.63 -0.35 -13.44
N TRP C 14 1.83 -1.61 -13.79
CA TRP C 14 2.72 -2.35 -12.91
C TRP C 14 3.39 -3.57 -13.55
N LEU C 15 4.34 -3.30 -14.44
CA LEU C 15 5.08 -4.31 -15.16
C LEU C 15 6.21 -4.91 -14.21
N TRP C 16 6.78 -4.15 -13.30
CA TRP C 16 7.85 -4.64 -12.42
C TRP C 16 7.59 -4.17 -10.95
N TYR C 17 8.18 -4.80 -9.93
CA TYR C 17 7.87 -4.35 -8.51
C TYR C 17 7.50 -2.92 -8.17
N ILE C 18 6.63 -2.67 -7.15
CA ILE C 18 6.27 -1.37 -6.61
C ILE C 18 5.26 -0.68 -7.52
N LYS C 19 5.78 0.14 -8.45
CA LYS C 19 5.14 1.13 -9.34
C LYS C 19 4.03 1.96 -8.74
N LEU C 20 3.12 2.43 -9.59
CA LEU C 20 1.89 3.14 -9.40
C LEU C 20 0.95 2.41 -8.53
N PHE C 21 0.96 1.08 -8.59
CA PHE C 21 0.27 0.14 -7.80
C PHE C 21 0.51 0.29 -6.35
N ILE C 22 1.77 0.68 -6.02
CA ILE C 22 2.09 1.09 -4.66
C ILE C 22 2.19 2.61 -4.58
N MET C 23 2.61 3.36 -5.64
CA MET C 23 2.89 4.74 -5.54
C MET C 23 1.63 5.54 -5.46
N ILE C 24 0.52 5.00 -6.03
CA ILE C 24 -0.80 5.64 -5.74
C ILE C 24 -1.14 5.58 -4.28
N VAL C 25 -0.96 4.46 -3.60
CA VAL C 25 -1.42 4.35 -2.28
C VAL C 25 -0.48 4.96 -1.20
N GLY C 26 0.85 5.07 -1.54
CA GLY C 26 1.80 5.68 -0.63
C GLY C 26 1.70 7.20 -0.69
N GLY C 27 1.53 7.68 -1.90
CA GLY C 27 1.47 9.15 -2.13
C GLY C 27 0.26 9.81 -1.48
N LEU C 28 -0.89 9.14 -1.58
CA LEU C 28 -2.09 9.57 -0.97
C LEU C 28 -1.98 9.71 0.56
N VAL C 29 -1.43 8.69 1.32
CA VAL C 29 -1.19 8.64 2.71
C VAL C 29 -0.18 9.79 3.08
N GLY C 30 0.90 9.97 2.27
CA GLY C 30 1.83 11.08 2.49
C GLY C 30 1.22 12.41 2.35
N LEU C 31 0.20 12.55 1.48
CA LEU C 31 -0.57 13.80 1.30
C LEU C 31 -1.37 14.23 2.50
N ARG C 32 -2.01 13.28 3.20
CA ARG C 32 -2.86 13.72 4.35
C ARG C 32 -2.08 14.03 5.64
N ILE C 33 -0.88 13.46 5.83
CA ILE C 33 0.00 13.47 7.00
C ILE C 33 0.42 14.90 7.13
N VAL C 34 0.94 15.52 6.07
CA VAL C 34 1.33 16.91 6.00
C VAL C 34 0.27 17.92 5.89
N PHE C 35 -0.86 17.48 5.41
CA PHE C 35 -2.08 18.17 5.47
C PHE C 35 -2.53 18.43 6.90
N ALA C 36 -2.37 17.43 7.81
CA ALA C 36 -2.65 17.73 9.20
C ALA C 36 -1.62 18.78 9.72
N VAL C 37 -0.32 18.62 9.31
CA VAL C 37 0.84 19.44 9.78
C VAL C 37 0.78 20.84 9.38
N LEU C 38 0.18 21.14 8.21
CA LEU C 38 -0.06 22.52 7.74
C LEU C 38 -1.45 23.02 8.06
N SER C 39 -2.26 22.16 8.78
CA SER C 39 -3.53 22.61 9.25
C SER C 39 -3.59 22.66 10.80
#